data_2Z5K
#
_entry.id   2Z5K
#
_cell.length_a   69.643
_cell.length_b   119.737
_cell.length_c   147.853
_cell.angle_alpha   90.00
_cell.angle_beta   90.00
_cell.angle_gamma   90.00
#
_symmetry.space_group_name_H-M   'P 21 21 21'
#
loop_
_entity.id
_entity.type
_entity.pdbx_description
1 polymer Transportin-1
2 polymer 'Nuclear RNA export factor 1'
3 non-polymer 'PHOSPHATE ION'
4 water water
#
loop_
_entity_poly.entity_id
_entity_poly.type
_entity_poly.pdbx_seq_one_letter_code
_entity_poly.pdbx_strand_id
1 'polypeptide(L)'
;MEYEWKPDEQGLQQILQLLKESQSPDTTIQRTVQQKLEQLNQYPDFNNYLIFVLTKLKSEDEPTRSLSGLILKNNVKAHF
QNFPNGVTDFIKSECLNNIGDSSPLIRATVGILITTIASKGELQNWPDLLPKLCSLLDSEDYNTCEGAFGALQKICEDSA
EILDSDVLDRPLNIMIPKFLQFFKHSSPKIRSHAVACVNQFIISRTQALMLHIDSFIENLFALAGDEEPEVRKNVCRALV
MLLEVRMDRLLPHMHNIVEYMLQRTQDQDENVALEACEFWLTLAEQPICKDVLVRHLPKLIPVLVNGMKYSDIDIILLKG
DVEEDETIPDSEQDIRPRFHRSRTVAQQHDEDGIEEEDDDDDEIDDDDTISDWNLRKCSAAALDVLANVYRDELLPHILP
LLKELLFHHEWVVKESGILVLGAIAEGCMQGMIPYLPELIPHLIQCLSDKKALVRSITCWTLSRYAHWVVSQPPDTYLKP
LMTELLKRILDSNKRVQEAACSAFATLEEEACTELVPYLAYILDTLVFAFSKYQHKNLLILYDAIGTLADSVGHHLNKPE
YIQMLMPPLIQKWNMLKDEDKDLFPLLECLSSVATALQSGFLPYCEPVYQRCVNLVQKTLAQAMLNNAQPDQYEAPDKDF
MIVALDLLSGLAEGLGGNIEQLVARSNILTLMYQCMQDKMPEVRQSSFALLGDLTKACFQHVKPCIADFMPILGTNLNPE
FISVCNNATWAIGEISIQMGIEMQPYIPMVLHQLVEIINRPNTPKTLLENTAITIGRLGYVCPQEVAPMLQQFIRPWCTS
LRNIRDNEEKDSAFRGICTMISVNPSGVIQDFIFFCDAVASWINPKDDLRDMFCKILHGFKNQVGDENWRRFSDQFPLPL
KERLAAFYGV
;
A
2 'polypeptide(L)' EEDDGDVAMSDAQDGPRVRYNPYTTRPNRR B
#
loop_
_chem_comp.id
_chem_comp.type
_chem_comp.name
_chem_comp.formula
PO4 non-polymer 'PHOSPHATE ION' 'O4 P -3'
#
# COMPACT_ATOMS: atom_id res chain seq x y z
N TRP A 5 9.16 -9.95 54.03
CA TRP A 5 9.96 -8.76 53.66
C TRP A 5 11.46 -9.10 53.71
N LYS A 6 11.89 -9.92 52.76
CA LYS A 6 13.18 -10.59 52.81
C LYS A 6 14.31 -9.89 52.04
N PRO A 7 15.39 -9.52 52.75
CA PRO A 7 16.62 -9.06 52.11
C PRO A 7 17.61 -10.22 51.87
N ASP A 8 17.97 -10.95 52.94
CA ASP A 8 18.95 -12.05 52.91
C ASP A 8 20.37 -11.59 52.54
N GLU A 9 21.26 -11.57 53.54
CA GLU A 9 22.61 -11.01 53.38
C GLU A 9 23.54 -11.86 52.51
N GLN A 10 23.35 -13.17 52.54
CA GLN A 10 24.13 -14.08 51.70
C GLN A 10 23.85 -13.82 50.23
N GLY A 11 22.56 -13.81 49.87
CA GLY A 11 22.13 -13.60 48.49
C GLY A 11 22.34 -12.18 48.00
N LEU A 12 22.31 -11.22 48.93
CA LEU A 12 22.50 -9.81 48.61
C LEU A 12 23.87 -9.55 48.00
N GLN A 13 24.91 -9.96 48.70
CA GLN A 13 26.30 -9.75 48.28
C GLN A 13 26.64 -10.51 46.99
N GLN A 14 25.94 -11.62 46.77
CA GLN A 14 26.14 -12.45 45.58
C GLN A 14 25.68 -11.72 44.30
N ILE A 15 24.61 -10.96 44.41
CA ILE A 15 24.05 -10.22 43.27
C ILE A 15 24.76 -8.87 43.10
N LEU A 16 25.02 -8.19 44.22
CA LEU A 16 25.77 -6.94 44.23
C LEU A 16 27.10 -7.08 43.49
N GLN A 17 27.73 -8.25 43.62
CA GLN A 17 29.00 -8.51 42.96
C GLN A 17 28.80 -8.98 41.51
N LEU A 18 27.63 -9.57 41.24
CA LEU A 18 27.29 -10.00 39.89
C LEU A 18 26.73 -8.86 39.05
N LEU A 19 26.30 -7.80 39.73
CA LEU A 19 25.93 -6.54 39.07
C LEU A 19 27.17 -5.73 38.72
N LYS A 20 28.19 -5.84 39.58
CA LYS A 20 29.48 -5.17 39.37
C LYS A 20 30.11 -5.60 38.05
N GLU A 21 30.25 -6.91 37.86
CA GLU A 21 30.92 -7.46 36.68
C GLU A 21 30.10 -7.31 35.40
N SER A 22 28.80 -7.05 35.54
CA SER A 22 27.94 -6.79 34.38
C SER A 22 28.07 -5.34 33.90
N GLN A 23 29.12 -4.67 34.36
CA GLN A 23 29.45 -3.31 33.93
C GLN A 23 30.89 -3.27 33.42
N SER A 24 31.53 -4.44 33.35
CA SER A 24 32.92 -4.58 32.91
C SER A 24 33.09 -4.15 31.45
N PRO A 25 34.24 -3.52 31.14
CA PRO A 25 34.56 -3.10 29.77
C PRO A 25 34.53 -4.23 28.73
N ASP A 26 35.08 -5.40 29.08
CA ASP A 26 35.21 -6.50 28.12
C ASP A 26 33.98 -7.42 28.04
N THR A 27 33.77 -8.00 26.86
CA THR A 27 32.61 -8.86 26.59
C THR A 27 32.77 -10.25 27.21
N THR A 28 34.03 -10.67 27.40
CA THR A 28 34.35 -11.99 27.96
C THR A 28 33.73 -12.18 29.35
N ILE A 29 33.86 -11.18 30.21
CA ILE A 29 33.26 -11.22 31.54
C ILE A 29 31.80 -10.75 31.52
N GLN A 30 31.46 -9.90 30.55
CA GLN A 30 30.09 -9.39 30.37
C GLN A 30 29.08 -10.48 30.07
N ARG A 31 29.26 -11.13 28.92
CA ARG A 31 28.30 -12.10 28.38
C ARG A 31 28.15 -13.34 29.25
N THR A 32 29.24 -13.76 29.90
CA THR A 32 29.19 -14.89 30.82
C THR A 32 28.50 -14.54 32.14
N VAL A 33 28.62 -13.28 32.57
CA VAL A 33 27.97 -12.80 33.80
C VAL A 33 26.48 -12.49 33.58
N GLN A 34 26.12 -12.12 32.34
CA GLN A 34 24.71 -11.93 31.94
C GLN A 34 24.00 -13.27 31.81
N GLN A 35 24.76 -14.28 31.37
CA GLN A 35 24.28 -15.67 31.32
C GLN A 35 24.04 -16.16 32.74
N LYS A 36 25.06 -16.06 33.59
CA LYS A 36 24.98 -16.43 34.99
C LYS A 36 23.99 -15.58 35.78
N LEU A 37 23.52 -14.49 35.17
CA LEU A 37 22.61 -13.55 35.83
C LEU A 37 21.15 -13.98 35.71
N GLU A 38 20.58 -13.87 34.50
CA GLU A 38 19.17 -14.18 34.30
C GLU A 38 18.88 -15.69 34.29
N GLN A 39 19.91 -16.50 34.52
CA GLN A 39 19.70 -17.94 34.76
C GLN A 39 19.36 -18.17 36.23
N LEU A 40 19.57 -17.12 37.04
CA LEU A 40 19.09 -17.10 38.42
C LEU A 40 17.64 -16.65 38.46
N ASN A 41 17.01 -16.61 37.28
CA ASN A 41 15.60 -16.29 37.12
C ASN A 41 14.70 -17.47 37.53
N GLN A 42 15.31 -18.65 37.69
CA GLN A 42 14.61 -19.85 38.14
C GLN A 42 14.02 -19.68 39.53
N TYR A 43 14.76 -19.01 40.40
CA TYR A 43 14.35 -18.81 41.79
C TYR A 43 13.21 -17.79 41.89
N PRO A 44 12.18 -18.11 42.70
CA PRO A 44 11.03 -17.22 42.83
C PRO A 44 11.34 -16.00 43.71
N ASP A 45 12.51 -15.99 44.34
CA ASP A 45 12.91 -14.95 45.28
C ASP A 45 13.81 -13.89 44.63
N PHE A 46 14.34 -14.20 43.45
CA PHE A 46 15.37 -13.41 42.76
C PHE A 46 14.97 -11.96 42.45
N ASN A 47 13.82 -11.79 41.78
CA ASN A 47 13.35 -10.47 41.37
C ASN A 47 13.01 -9.51 42.51
N ASN A 48 12.92 -10.04 43.73
CA ASN A 48 12.72 -9.22 44.91
C ASN A 48 13.98 -8.47 45.32
N TYR A 49 15.13 -9.12 45.13
CA TYR A 49 16.42 -8.49 45.37
C TYR A 49 16.58 -7.27 44.46
N LEU A 50 16.21 -7.45 43.20
CA LEU A 50 16.39 -6.44 42.16
C LEU A 50 15.69 -5.11 42.46
N ILE A 51 14.42 -5.16 42.87
CA ILE A 51 13.69 -3.96 43.30
C ILE A 51 14.30 -3.36 44.57
N PHE A 52 14.70 -4.22 45.50
CA PHE A 52 15.30 -3.83 46.78
C PHE A 52 16.60 -3.03 46.56
N VAL A 53 17.42 -3.50 45.63
CA VAL A 53 18.65 -2.80 45.26
C VAL A 53 18.32 -1.43 44.66
N LEU A 54 17.28 -1.39 43.82
CA LEU A 54 16.85 -0.16 43.14
C LEU A 54 16.32 0.92 44.09
N THR A 55 15.42 0.53 44.99
CA THR A 55 14.68 1.49 45.82
C THR A 55 15.15 1.62 47.28
N LYS A 56 15.54 0.49 47.89
CA LYS A 56 15.83 0.47 49.32
C LYS A 56 17.32 0.60 49.69
N LEU A 57 18.21 0.20 48.79
CA LEU A 57 19.65 0.31 49.03
C LEU A 57 20.20 1.68 48.65
N LYS A 58 20.29 2.57 49.64
CA LYS A 58 20.85 3.90 49.42
C LYS A 58 22.38 3.84 49.49
N SER A 59 22.90 2.80 50.13
CA SER A 59 24.34 2.63 50.33
C SER A 59 25.10 2.30 49.05
N GLU A 60 24.38 1.83 48.03
CA GLU A 60 24.97 1.49 46.72
C GLU A 60 24.87 2.68 45.78
N ASP A 61 25.77 2.75 44.79
CA ASP A 61 25.77 3.86 43.82
C ASP A 61 24.60 3.76 42.85
N GLU A 62 24.19 4.91 42.30
CA GLU A 62 23.03 4.98 41.41
C GLU A 62 23.14 4.19 40.10
N PRO A 63 24.32 4.22 39.43
CA PRO A 63 24.45 3.42 38.22
C PRO A 63 24.07 1.97 38.47
N THR A 64 24.64 1.37 39.52
CA THR A 64 24.40 -0.01 39.88
C THR A 64 22.92 -0.23 40.17
N ARG A 65 22.36 0.63 41.03
CA ARG A 65 20.94 0.58 41.39
C ARG A 65 20.06 0.65 40.15
N SER A 66 20.33 1.63 39.29
CA SER A 66 19.57 1.82 38.06
C SER A 66 19.57 0.55 37.23
N LEU A 67 20.78 0.01 36.97
CA LEU A 67 20.95 -1.21 36.18
C LEU A 67 20.15 -2.40 36.74
N SER A 68 20.26 -2.61 38.05
CA SER A 68 19.55 -3.70 38.72
C SER A 68 18.05 -3.65 38.42
N GLY A 69 17.49 -2.44 38.43
CA GLY A 69 16.08 -2.22 38.11
C GLY A 69 15.74 -2.51 36.66
N LEU A 70 16.64 -2.13 35.76
CA LEU A 70 16.45 -2.33 34.32
C LEU A 70 16.52 -3.80 33.93
N ILE A 71 17.34 -4.55 34.65
CA ILE A 71 17.40 -6.00 34.48
C ILE A 71 16.07 -6.60 34.95
N LEU A 72 15.54 -6.07 36.05
CA LEU A 72 14.22 -6.46 36.55
C LEU A 72 13.12 -6.14 35.54
N LYS A 73 13.27 -5.02 34.83
CA LYS A 73 12.34 -4.68 33.77
C LYS A 73 12.42 -5.71 32.63
N ASN A 74 13.64 -6.06 32.22
CA ASN A 74 13.85 -7.08 31.19
C ASN A 74 13.39 -8.46 31.60
N ASN A 75 13.17 -8.63 32.91
CA ASN A 75 12.61 -9.85 33.47
C ASN A 75 11.08 -9.82 33.57
N VAL A 76 10.47 -8.78 32.99
CA VAL A 76 9.01 -8.67 32.91
C VAL A 76 8.61 -8.69 31.42
N LYS A 77 9.49 -8.18 30.56
CA LYS A 77 9.33 -8.30 29.12
C LYS A 77 9.27 -9.80 28.77
N ALA A 78 10.30 -10.52 29.17
CA ALA A 78 10.33 -11.98 29.12
C ALA A 78 10.38 -12.52 30.55
N HIS A 79 9.56 -13.53 30.83
CA HIS A 79 9.47 -14.20 32.14
C HIS A 79 8.52 -13.55 33.17
N PHE A 80 7.41 -12.96 32.71
CA PHE A 80 6.44 -12.36 33.64
C PHE A 80 5.23 -13.27 33.94
N GLN A 81 4.96 -14.23 33.08
CA GLN A 81 3.92 -15.22 33.36
C GLN A 81 4.31 -16.07 34.56
N ASN A 82 5.62 -16.18 34.78
CA ASN A 82 6.16 -16.97 35.89
C ASN A 82 6.46 -16.11 37.14
N PHE A 83 5.70 -15.00 37.27
CA PHE A 83 5.85 -14.11 38.43
C PHE A 83 4.94 -14.49 39.60
N PRO A 84 5.51 -14.61 40.81
CA PRO A 84 4.72 -14.81 42.02
C PRO A 84 3.99 -13.52 42.43
N ASN A 85 2.89 -13.67 43.19
CA ASN A 85 2.02 -12.56 43.57
C ASN A 85 2.65 -11.54 44.52
N GLY A 86 3.20 -12.05 45.65
CA GLY A 86 3.81 -11.20 46.68
C GLY A 86 4.97 -10.37 46.17
N VAL A 87 5.77 -10.97 45.30
CA VAL A 87 6.85 -10.28 44.59
C VAL A 87 6.25 -9.10 43.83
N THR A 88 5.28 -9.42 42.94
CA THR A 88 4.63 -8.45 42.06
C THR A 88 4.08 -7.26 42.84
N ASP A 89 3.30 -7.54 43.90
CA ASP A 89 2.72 -6.49 44.74
C ASP A 89 3.79 -5.64 45.43
N PHE A 90 4.85 -6.30 45.89
CA PHE A 90 5.94 -5.63 46.61
C PHE A 90 6.74 -4.72 45.68
N ILE A 91 6.94 -5.16 44.44
CA ILE A 91 7.56 -4.34 43.40
C ILE A 91 6.65 -3.14 43.05
N LYS A 92 5.35 -3.41 42.92
CA LYS A 92 4.35 -2.38 42.65
C LYS A 92 4.32 -1.33 43.77
N SER A 93 4.37 -1.83 45.01
CA SER A 93 4.36 -1.01 46.23
C SER A 93 5.57 -0.07 46.31
N GLU A 94 6.76 -0.65 46.06
CA GLU A 94 8.02 0.11 46.12
C GLU A 94 8.17 1.14 45.00
N CYS A 95 7.53 0.87 43.85
CA CYS A 95 7.57 1.80 42.73
C CYS A 95 6.75 3.05 43.01
N LEU A 96 5.45 2.87 43.26
CA LEU A 96 4.53 3.98 43.51
C LEU A 96 4.93 4.87 44.67
N ASN A 97 5.64 4.29 45.64
CA ASN A 97 6.15 5.02 46.80
C ASN A 97 7.42 5.82 46.48
N ASN A 98 8.01 5.52 45.32
CA ASN A 98 9.29 6.12 44.90
C ASN A 98 9.24 6.69 43.49
N ILE A 99 8.04 6.69 42.90
CA ILE A 99 7.80 7.20 41.54
C ILE A 99 8.46 8.56 41.26
N GLY A 100 8.65 9.36 42.30
CA GLY A 100 9.23 10.68 42.15
C GLY A 100 10.45 10.92 43.03
N ASP A 101 11.38 9.98 43.03
CA ASP A 101 12.66 10.15 43.74
C ASP A 101 13.44 11.38 43.24
N SER A 102 14.18 12.00 44.14
CA SER A 102 14.95 13.22 43.84
C SER A 102 16.03 13.03 42.78
N SER A 103 16.51 11.79 42.64
CA SER A 103 17.47 11.44 41.59
C SER A 103 16.75 11.09 40.28
N PRO A 104 17.00 11.88 39.21
CA PRO A 104 16.37 11.71 37.90
C PRO A 104 16.59 10.35 37.24
N LEU A 105 17.75 9.74 37.48
CA LEU A 105 18.06 8.41 36.95
C LEU A 105 17.21 7.32 37.63
N ILE A 106 17.07 7.42 38.95
CA ILE A 106 16.23 6.51 39.73
C ILE A 106 14.74 6.72 39.37
N ARG A 107 14.34 7.99 39.33
CA ARG A 107 12.99 8.40 38.91
C ARG A 107 12.62 7.81 37.55
N ALA A 108 13.54 7.91 36.59
CA ALA A 108 13.34 7.39 35.23
C ALA A 108 13.30 5.86 35.17
N THR A 109 14.12 5.22 36.00
CA THR A 109 14.22 3.76 36.05
C THR A 109 12.93 3.17 36.62
N VAL A 110 12.54 3.64 37.81
CA VAL A 110 11.27 3.31 38.43
C VAL A 110 10.12 3.60 37.45
N GLY A 111 10.24 4.71 36.72
CA GLY A 111 9.28 5.08 35.69
C GLY A 111 8.99 3.95 34.73
N ILE A 112 10.03 3.44 34.08
CA ILE A 112 9.86 2.43 33.02
C ILE A 112 9.46 1.05 33.54
N LEU A 113 9.77 0.77 34.81
CA LEU A 113 9.26 -0.42 35.48
C LEU A 113 7.72 -0.39 35.48
N ILE A 114 7.15 0.71 35.97
CA ILE A 114 5.70 0.93 36.04
C ILE A 114 5.02 0.85 34.67
N THR A 115 5.78 1.23 33.64
CA THR A 115 5.30 1.28 32.28
C THR A 115 5.23 -0.12 31.65
N THR A 116 6.20 -0.96 31.99
CA THR A 116 6.34 -2.32 31.47
C THR A 116 5.39 -3.29 32.21
N ILE A 117 5.35 -3.17 33.54
CA ILE A 117 4.47 -3.98 34.36
C ILE A 117 3.01 -3.76 33.96
N ALA A 118 2.62 -2.49 33.84
CA ALA A 118 1.25 -2.15 33.46
C ALA A 118 0.98 -2.34 31.96
N SER A 119 1.99 -2.78 31.23
CA SER A 119 1.85 -3.14 29.82
C SER A 119 1.69 -4.65 29.62
N LYS A 120 2.55 -5.43 30.29
CA LYS A 120 2.53 -6.89 30.21
C LYS A 120 1.28 -7.50 30.88
N GLY A 121 0.89 -6.95 32.04
CA GLY A 121 -0.38 -7.34 32.69
C GLY A 121 -1.49 -6.38 32.33
N GLU A 122 -1.86 -6.38 31.04
CA GLU A 122 -2.74 -5.38 30.39
C GLU A 122 -3.14 -4.17 31.23
N LEU A 123 -4.11 -4.36 32.11
CA LEU A 123 -4.58 -3.37 33.07
C LEU A 123 -5.92 -3.81 33.67
N GLN A 124 -5.89 -5.00 34.24
CA GLN A 124 -6.93 -5.48 35.14
C GLN A 124 -6.16 -5.89 36.38
N ASN A 125 -4.88 -6.18 36.16
CA ASN A 125 -3.98 -6.68 37.20
C ASN A 125 -3.27 -5.57 37.98
N TRP A 126 -3.50 -4.32 37.57
CA TRP A 126 -3.17 -3.18 38.43
C TRP A 126 -4.29 -2.13 38.43
N PRO A 127 -5.46 -2.47 39.02
CA PRO A 127 -6.57 -1.51 39.04
C PRO A 127 -6.32 -0.37 40.03
N ASP A 128 -5.27 -0.51 40.84
CA ASP A 128 -4.88 0.51 41.81
C ASP A 128 -4.00 1.60 41.17
N LEU A 129 -3.55 1.35 39.94
CA LEU A 129 -2.56 2.22 39.28
C LEU A 129 -3.10 3.58 38.80
N LEU A 130 -4.12 3.55 37.95
CA LEU A 130 -4.70 4.76 37.38
C LEU A 130 -5.22 5.76 38.42
N PRO A 131 -6.09 5.31 39.37
CA PRO A 131 -6.56 6.22 40.41
C PRO A 131 -5.44 6.80 41.27
N LYS A 132 -4.41 6.00 41.55
CA LYS A 132 -3.26 6.45 42.36
C LYS A 132 -2.40 7.44 41.59
N LEU A 133 -2.35 7.27 40.26
CA LEU A 133 -1.60 8.18 39.40
C LEU A 133 -2.27 9.55 39.31
N CYS A 134 -3.58 9.58 39.08
CA CYS A 134 -4.34 10.83 39.04
C CYS A 134 -4.33 11.54 40.39
N SER A 135 -4.21 10.74 41.45
CA SER A 135 -4.06 11.25 42.79
C SER A 135 -2.69 11.93 42.95
N LEU A 136 -1.64 11.24 42.48
CA LEU A 136 -0.27 11.76 42.57
C LEU A 136 -0.03 12.95 41.65
N LEU A 137 -1.02 13.23 40.81
CA LEU A 137 -0.97 14.33 39.85
C LEU A 137 -1.14 15.69 40.52
N ASP A 138 -1.95 15.76 41.58
CA ASP A 138 -2.19 17.01 42.29
C ASP A 138 -1.18 17.19 43.43
N SER A 139 -0.16 16.32 43.46
CA SER A 139 0.87 16.32 44.48
C SER A 139 1.60 17.66 44.61
N GLU A 140 1.89 18.05 45.85
CA GLU A 140 2.55 19.33 46.16
C GLU A 140 4.01 19.37 45.70
N ASP A 141 4.67 18.22 45.73
CA ASP A 141 6.04 18.10 45.24
C ASP A 141 6.07 17.90 43.72
N TYR A 142 7.03 18.54 43.06
CA TYR A 142 7.15 18.48 41.60
C TYR A 142 7.55 17.08 41.09
N ASN A 143 8.70 16.60 41.54
CA ASN A 143 9.27 15.32 41.09
C ASN A 143 8.29 14.14 41.05
N THR A 144 7.35 14.12 41.99
CA THR A 144 6.33 13.08 42.04
C THR A 144 5.28 13.27 40.94
N CYS A 145 4.86 14.51 40.74
CA CYS A 145 3.86 14.88 39.74
C CYS A 145 4.40 14.69 38.32
N GLU A 146 5.67 15.04 38.13
CA GLU A 146 6.38 14.83 36.87
C GLU A 146 6.50 13.34 36.54
N GLY A 147 6.79 12.54 37.57
CA GLY A 147 6.96 11.10 37.43
C GLY A 147 5.66 10.38 37.15
N ALA A 148 4.58 10.88 37.76
CA ALA A 148 3.24 10.32 37.54
C ALA A 148 2.76 10.61 36.12
N PHE A 149 2.87 11.86 35.67
CA PHE A 149 2.43 12.24 34.33
C PHE A 149 3.22 11.52 33.25
N GLY A 150 4.49 11.21 33.55
CA GLY A 150 5.39 10.54 32.62
C GLY A 150 5.00 9.10 32.38
N ALA A 151 4.62 8.41 33.45
CA ALA A 151 4.08 7.06 33.35
C ALA A 151 2.72 7.08 32.67
N LEU A 152 1.93 8.12 32.98
CA LEU A 152 0.60 8.31 32.40
C LEU A 152 0.65 8.58 30.91
N GLN A 153 1.75 9.19 30.44
CA GLN A 153 1.97 9.35 29.01
C GLN A 153 2.24 8.00 28.34
N LYS A 154 3.23 7.26 28.84
CA LYS A 154 3.60 5.97 28.27
C LYS A 154 2.43 4.98 28.26
N ILE A 155 1.69 4.93 29.37
CA ILE A 155 0.47 4.13 29.48
C ILE A 155 -0.55 4.52 28.41
N CYS A 156 -0.79 5.82 28.25
CA CYS A 156 -1.68 6.34 27.20
C CYS A 156 -1.20 6.00 25.80
N GLU A 157 0.12 6.01 25.62
CA GLU A 157 0.74 5.65 24.36
C GLU A 157 0.63 4.16 24.05
N ASP A 158 0.61 3.34 25.10
CA ASP A 158 0.60 1.90 24.95
C ASP A 158 -0.80 1.28 24.88
N SER A 159 -1.75 1.87 25.59
CA SER A 159 -3.03 1.20 25.82
C SER A 159 -4.26 2.09 25.60
N ALA A 160 -4.21 2.94 24.57
CA ALA A 160 -5.26 3.93 24.31
C ALA A 160 -6.64 3.29 24.12
N GLU A 161 -6.70 2.26 23.27
CA GLU A 161 -7.95 1.53 23.02
C GLU A 161 -8.34 0.64 24.20
N ILE A 162 -7.35 0.23 25.00
CA ILE A 162 -7.56 -0.57 26.20
C ILE A 162 -8.17 0.29 27.33
N LEU A 163 -7.83 1.58 27.35
CA LEU A 163 -8.40 2.52 28.33
C LEU A 163 -9.79 3.02 27.90
N ASP A 164 -10.05 2.97 26.59
CA ASP A 164 -11.33 3.37 26.01
C ASP A 164 -12.27 2.16 25.93
N SER A 165 -11.69 0.99 26.17
CA SER A 165 -12.41 -0.27 26.19
C SER A 165 -13.23 -0.39 27.47
N ASP A 166 -13.98 -1.48 27.60
CA ASP A 166 -14.73 -1.78 28.82
C ASP A 166 -13.88 -2.55 29.84
N VAL A 167 -12.73 -3.05 29.37
CA VAL A 167 -11.88 -4.00 30.11
C VAL A 167 -11.44 -3.54 31.51
N LEU A 168 -11.46 -2.22 31.73
CA LEU A 168 -11.05 -1.63 33.00
C LEU A 168 -12.04 -0.55 33.45
N ASP A 169 -13.24 -0.56 32.86
CA ASP A 169 -14.18 0.53 33.03
C ASP A 169 -13.85 1.61 32.00
N ARG A 170 -14.45 2.79 32.11
CA ARG A 170 -14.13 3.91 31.23
C ARG A 170 -13.52 5.04 32.05
N PRO A 171 -12.23 4.92 32.41
CA PRO A 171 -11.62 5.90 33.32
C PRO A 171 -11.27 7.22 32.62
N LEU A 172 -11.44 7.27 31.30
CA LEU A 172 -11.21 8.47 30.48
C LEU A 172 -12.26 9.55 30.75
N ASN A 173 -13.40 9.14 31.30
CA ASN A 173 -14.44 10.07 31.75
C ASN A 173 -13.92 11.10 32.75
N ILE A 174 -12.95 10.70 33.57
CA ILE A 174 -12.37 11.57 34.58
C ILE A 174 -10.93 12.00 34.25
N MET A 175 -10.25 11.22 33.42
CA MET A 175 -8.88 11.51 33.03
C MET A 175 -8.78 12.61 31.98
N ILE A 176 -9.71 12.63 31.02
CA ILE A 176 -9.77 13.68 30.01
C ILE A 176 -9.90 15.09 30.61
N PRO A 177 -10.93 15.31 31.46
CA PRO A 177 -11.03 16.62 32.11
C PRO A 177 -9.84 16.92 33.03
N LYS A 178 -9.24 15.87 33.61
CA LYS A 178 -8.11 16.01 34.52
C LYS A 178 -6.84 16.51 33.79
N PHE A 179 -6.51 15.86 32.67
CA PHE A 179 -5.37 16.26 31.87
C PHE A 179 -5.53 17.69 31.37
N LEU A 180 -6.74 18.00 30.90
CA LEU A 180 -7.04 19.31 30.32
C LEU A 180 -6.67 20.46 31.27
N GLN A 181 -6.85 20.22 32.56
CA GLN A 181 -6.54 21.21 33.58
C GLN A 181 -5.05 21.53 33.64
N PHE A 182 -4.21 20.51 33.46
CA PHE A 182 -2.76 20.68 33.55
C PHE A 182 -2.14 21.33 32.31
N PHE A 183 -2.98 21.65 31.32
CA PHE A 183 -2.59 22.49 30.17
C PHE A 183 -2.11 23.87 30.63
N LYS A 184 -2.51 24.27 31.83
CA LYS A 184 -2.18 25.59 32.40
C LYS A 184 -1.11 25.54 33.48
N HIS A 185 -0.55 24.36 33.76
CA HIS A 185 0.55 24.22 34.70
C HIS A 185 1.76 25.08 34.27
N SER A 186 2.49 25.62 35.25
CA SER A 186 3.59 26.56 34.99
C SER A 186 4.87 25.93 34.43
N SER A 187 5.01 24.61 34.60
CA SER A 187 6.16 23.87 34.09
C SER A 187 5.91 23.46 32.64
N PRO A 188 6.93 23.61 31.76
CA PRO A 188 6.74 23.19 30.37
C PRO A 188 6.66 21.68 30.22
N LYS A 189 7.46 20.97 31.03
CA LYS A 189 7.56 19.51 31.01
C LYS A 189 6.24 18.84 31.33
N ILE A 190 5.48 19.43 32.24
CA ILE A 190 4.16 18.92 32.65
C ILE A 190 3.12 19.18 31.56
N ARG A 191 3.10 20.41 31.03
CA ARG A 191 2.19 20.79 29.97
C ARG A 191 2.34 19.84 28.79
N SER A 192 3.59 19.54 28.46
CA SER A 192 3.92 18.59 27.41
C SER A 192 3.23 17.24 27.63
N HIS A 193 3.47 16.65 28.81
CA HIS A 193 2.86 15.37 29.13
C HIS A 193 1.36 15.43 28.89
N ALA A 194 0.73 16.52 29.36
CA ALA A 194 -0.71 16.68 29.35
C ALA A 194 -1.34 16.68 27.96
N VAL A 195 -0.75 17.44 27.04
CA VAL A 195 -1.26 17.46 25.68
C VAL A 195 -1.01 16.13 24.98
N ALA A 196 0.19 15.58 25.14
CA ALA A 196 0.52 14.24 24.63
C ALA A 196 -0.51 13.18 25.04
N CYS A 197 -0.92 13.20 26.31
CA CYS A 197 -1.93 12.27 26.82
C CYS A 197 -3.27 12.45 26.10
N VAL A 198 -3.81 13.67 26.12
CA VAL A 198 -5.04 13.98 25.39
C VAL A 198 -4.96 13.68 23.89
N ASN A 199 -3.78 13.90 23.31
CA ASN A 199 -3.56 13.62 21.89
C ASN A 199 -3.84 12.18 21.47
N GLN A 200 -3.86 11.27 22.44
CA GLN A 200 -3.94 9.84 22.16
C GLN A 200 -5.38 9.38 21.94
N PHE A 201 -6.31 10.33 21.93
CA PHE A 201 -7.73 10.00 21.94
C PHE A 201 -8.52 10.81 20.92
N ILE A 202 -7.79 11.58 20.11
CA ILE A 202 -8.38 12.40 19.06
C ILE A 202 -8.98 11.57 17.92
N ILE A 203 -8.16 10.70 17.32
CA ILE A 203 -8.54 9.88 16.17
C ILE A 203 -9.69 8.93 16.46
N SER A 204 -9.57 8.17 17.57
CA SER A 204 -10.61 7.25 17.98
C SER A 204 -11.88 7.99 18.43
N ARG A 205 -11.88 9.31 18.21
CA ARG A 205 -12.93 10.22 18.68
C ARG A 205 -13.58 9.83 20.00
N THR A 206 -12.75 9.60 21.01
CA THR A 206 -13.19 9.13 22.31
C THR A 206 -14.24 10.07 22.89
N GLN A 207 -15.42 9.52 23.21
CA GLN A 207 -16.57 10.29 23.67
C GLN A 207 -16.26 11.25 24.82
N ALA A 208 -15.38 10.80 25.72
CA ALA A 208 -14.98 11.58 26.90
C ALA A 208 -14.33 12.91 26.55
N LEU A 209 -13.70 12.96 25.37
CA LEU A 209 -13.02 14.13 24.87
C LEU A 209 -13.94 15.01 24.01
N MET A 210 -14.89 14.37 23.33
CA MET A 210 -15.83 15.03 22.42
C MET A 210 -16.87 15.96 23.11
N LEU A 211 -17.10 15.77 24.41
CA LEU A 211 -17.94 16.69 25.15
C LEU A 211 -17.12 17.82 25.77
N HIS A 212 -15.81 17.58 25.89
CA HIS A 212 -14.87 18.61 26.32
C HIS A 212 -14.17 19.29 25.13
N ILE A 213 -14.64 18.96 23.93
CA ILE A 213 -14.01 19.39 22.66
C ILE A 213 -13.64 20.89 22.59
N ASP A 214 -14.58 21.75 22.97
CA ASP A 214 -14.40 23.20 22.84
C ASP A 214 -13.37 23.73 23.83
N SER A 215 -13.46 23.24 25.08
CA SER A 215 -12.47 23.58 26.10
C SER A 215 -11.11 22.92 25.84
N PHE A 216 -11.10 21.87 25.01
CA PHE A 216 -9.85 21.28 24.51
C PHE A 216 -9.20 22.18 23.47
N ILE A 217 -10.00 22.64 22.50
CA ILE A 217 -9.53 23.54 21.44
C ILE A 217 -9.04 24.88 22.03
N GLU A 218 -9.80 25.41 22.98
CA GLU A 218 -9.47 26.63 23.70
C GLU A 218 -8.10 26.57 24.39
N ASN A 219 -7.90 25.54 25.20
CA ASN A 219 -6.67 25.33 25.94
C ASN A 219 -5.45 25.20 25.03
N LEU A 220 -5.62 24.41 23.98
CA LEU A 220 -4.63 24.20 22.94
C LEU A 220 -4.25 25.53 22.29
N PHE A 221 -5.28 26.30 21.95
CA PHE A 221 -5.11 27.58 21.27
C PHE A 221 -4.26 28.54 22.08
N ALA A 222 -4.47 28.52 23.39
CA ALA A 222 -3.73 29.33 24.35
C ALA A 222 -2.28 28.86 24.49
N LEU A 223 -2.03 27.59 24.14
CA LEU A 223 -0.70 27.01 24.22
C LEU A 223 0.10 27.11 22.91
N ALA A 224 -0.59 27.44 21.82
CA ALA A 224 -0.04 27.42 20.46
C ALA A 224 1.33 28.09 20.30
N GLY A 225 1.51 29.25 20.92
CA GLY A 225 2.76 29.98 20.83
C GLY A 225 3.73 29.71 21.97
N ASP A 226 3.63 28.54 22.61
CA ASP A 226 4.55 28.16 23.69
C ASP A 226 5.98 28.00 23.14
N GLU A 227 6.95 28.55 23.86
CA GLU A 227 8.33 28.56 23.36
C GLU A 227 9.07 27.22 23.47
N GLU A 228 8.55 26.33 24.31
CA GLU A 228 9.12 24.99 24.44
C GLU A 228 8.73 24.07 23.25
N PRO A 229 9.74 23.57 22.52
CA PRO A 229 9.61 22.64 21.39
C PRO A 229 8.55 21.56 21.61
N GLU A 230 8.76 20.71 22.61
CA GLU A 230 7.87 19.59 22.88
C GLU A 230 6.39 19.98 22.89
N VAL A 231 6.08 21.13 23.51
CA VAL A 231 4.70 21.62 23.55
C VAL A 231 4.21 22.04 22.16
N ARG A 232 4.93 22.97 21.53
CA ARG A 232 4.66 23.33 20.14
C ARG A 232 4.41 22.09 19.30
N LYS A 233 5.37 21.16 19.39
CA LYS A 233 5.30 19.86 18.71
C LYS A 233 3.96 19.17 18.94
N ASN A 234 3.57 19.04 20.22
CA ASN A 234 2.33 18.34 20.59
C ASN A 234 1.04 19.09 20.22
N VAL A 235 1.12 20.41 20.14
CA VAL A 235 -0.02 21.23 19.70
C VAL A 235 -0.25 20.98 18.22
N CYS A 236 0.86 20.93 17.49
CA CYS A 236 0.85 20.67 16.06
C CYS A 236 0.27 19.31 15.72
N ARG A 237 0.64 18.28 16.47
CA ARG A 237 0.10 16.93 16.25
C ARG A 237 -1.41 16.96 16.44
N ALA A 238 -1.85 17.68 17.48
CA ALA A 238 -3.26 17.73 17.87
C ALA A 238 -4.12 18.44 16.83
N LEU A 239 -3.68 19.62 16.40
CA LEU A 239 -4.40 20.39 15.38
C LEU A 239 -4.56 19.58 14.10
N VAL A 240 -3.48 18.91 13.70
CA VAL A 240 -3.44 18.02 12.53
C VAL A 240 -4.41 16.83 12.64
N MET A 241 -4.39 16.15 13.78
CA MET A 241 -5.28 15.02 13.99
C MET A 241 -6.71 15.51 13.99
N LEU A 242 -6.92 16.70 14.57
CA LEU A 242 -8.23 17.30 14.74
C LEU A 242 -8.89 17.66 13.40
N LEU A 243 -8.07 17.79 12.35
CA LEU A 243 -8.57 18.02 11.00
C LEU A 243 -9.39 16.86 10.46
N GLU A 244 -9.07 15.65 10.90
CA GLU A 244 -9.75 14.46 10.39
C GLU A 244 -11.00 14.10 11.18
N VAL A 245 -11.04 14.50 12.44
CA VAL A 245 -12.11 14.12 13.36
C VAL A 245 -13.13 15.25 13.53
N ARG A 246 -12.68 16.40 14.02
CA ARG A 246 -13.56 17.54 14.27
C ARG A 246 -13.21 18.75 13.40
N MET A 247 -13.53 18.64 12.11
CA MET A 247 -13.27 19.69 11.14
C MET A 247 -14.30 20.80 11.26
N ASP A 248 -15.45 20.47 11.85
CA ASP A 248 -16.51 21.42 12.12
C ASP A 248 -16.07 22.52 13.07
N ARG A 249 -15.36 22.14 14.14
CA ARG A 249 -14.92 23.08 15.15
C ARG A 249 -13.61 23.79 14.79
N LEU A 250 -13.04 23.40 13.64
CA LEU A 250 -11.81 23.99 13.12
C LEU A 250 -12.04 24.97 11.97
N LEU A 251 -13.12 24.78 11.22
CA LEU A 251 -13.51 25.70 10.12
C LEU A 251 -13.59 27.19 10.48
N PRO A 252 -14.22 27.56 11.62
CA PRO A 252 -14.29 28.98 11.99
C PRO A 252 -12.94 29.64 12.26
N HIS A 253 -11.95 28.83 12.63
CA HIS A 253 -10.62 29.33 12.97
C HIS A 253 -9.60 29.01 11.90
N MET A 254 -10.06 28.43 10.79
CA MET A 254 -9.17 27.83 9.79
C MET A 254 -8.02 28.73 9.35
N HIS A 255 -8.33 29.91 8.83
CA HIS A 255 -7.28 30.82 8.35
C HIS A 255 -6.22 31.14 9.39
N ASN A 256 -6.64 31.29 10.64
CA ASN A 256 -5.71 31.42 11.76
C ASN A 256 -4.85 30.16 11.96
N ILE A 257 -5.44 28.98 11.82
CA ILE A 257 -4.68 27.72 11.92
C ILE A 257 -3.59 27.61 10.85
N VAL A 258 -3.97 27.85 9.58
CA VAL A 258 -3.05 27.71 8.46
C VAL A 258 -1.89 28.72 8.53
N GLU A 259 -2.22 29.97 8.85
CA GLU A 259 -1.20 30.99 9.03
C GLU A 259 -0.24 30.58 10.15
N TYR A 260 -0.78 30.00 11.21
CA TYR A 260 0.04 29.49 12.31
C TYR A 260 0.93 28.32 11.86
N MET A 261 0.35 27.41 11.08
CA MET A 261 1.07 26.23 10.61
C MET A 261 2.20 26.55 9.62
N LEU A 262 2.04 27.62 8.86
CA LEU A 262 3.12 28.16 8.01
C LEU A 262 4.28 28.70 8.82
N GLN A 263 3.96 29.40 9.91
CA GLN A 263 4.96 29.89 10.86
C GLN A 263 5.64 28.68 11.49
N ARG A 264 4.92 27.56 11.53
CA ARG A 264 5.37 26.38 12.22
C ARG A 264 6.12 25.41 11.30
N THR A 265 5.86 25.48 10.00
CA THR A 265 6.51 24.60 9.01
C THR A 265 7.98 24.98 8.82
N GLN A 266 8.31 26.22 9.20
CA GLN A 266 9.67 26.69 9.14
C GLN A 266 10.23 26.87 10.54
N ASP A 267 9.63 26.15 11.50
CA ASP A 267 10.05 26.23 12.91
C ASP A 267 11.55 25.99 13.04
N GLN A 268 12.19 26.62 14.03
CA GLN A 268 13.62 26.44 14.23
C GLN A 268 13.97 25.03 14.77
N ASP A 269 12.92 24.28 15.15
CA ASP A 269 13.06 22.93 15.70
C ASP A 269 12.56 21.90 14.68
N GLU A 270 13.48 21.02 14.26
CA GLU A 270 13.24 20.03 13.20
C GLU A 270 11.97 19.19 13.38
N ASN A 271 11.73 18.74 14.60
CA ASN A 271 10.55 17.93 14.92
C ASN A 271 9.24 18.67 14.73
N VAL A 272 9.16 19.89 15.26
CA VAL A 272 7.99 20.74 15.06
C VAL A 272 7.73 20.94 13.57
N ALA A 273 8.78 21.35 12.85
CA ALA A 273 8.71 21.53 11.39
C ALA A 273 8.05 20.35 10.70
N LEU A 274 8.51 19.13 11.01
CA LEU A 274 7.99 17.92 10.39
C LEU A 274 6.53 17.69 10.72
N GLU A 275 6.21 17.81 12.01
CA GLU A 275 4.85 17.62 12.49
C GLU A 275 3.90 18.66 11.92
N ALA A 276 4.40 19.87 11.70
CA ALA A 276 3.61 20.93 11.08
C ALA A 276 3.32 20.62 9.61
N CYS A 277 4.33 20.11 8.93
CA CYS A 277 4.23 19.85 7.50
C CYS A 277 3.16 18.81 7.21
N GLU A 278 2.92 17.92 8.19
CA GLU A 278 1.84 16.93 8.11
C GLU A 278 0.52 17.61 7.78
N PHE A 279 0.32 18.77 8.39
CA PHE A 279 -0.90 19.56 8.23
C PHE A 279 -1.31 19.73 6.77
N TRP A 280 -0.34 19.99 5.90
CA TRP A 280 -0.63 20.24 4.49
C TRP A 280 -1.11 19.00 3.77
N LEU A 281 -0.55 17.84 4.17
CA LEU A 281 -0.99 16.54 3.67
C LEU A 281 -2.42 16.24 4.04
N THR A 282 -2.72 16.31 5.35
CA THR A 282 -4.06 16.06 5.85
C THR A 282 -5.08 17.02 5.25
N LEU A 283 -4.78 18.32 5.31
CA LEU A 283 -5.63 19.36 4.73
C LEU A 283 -5.92 19.03 3.27
N ALA A 284 -4.88 18.65 2.54
CA ALA A 284 -5.02 18.33 1.13
C ALA A 284 -6.07 17.25 0.88
N GLU A 285 -6.32 16.39 1.87
CA GLU A 285 -7.27 15.29 1.71
C GLU A 285 -8.73 15.73 1.91
N GLN A 286 -8.96 16.70 2.79
CA GLN A 286 -10.32 17.18 3.06
C GLN A 286 -10.87 17.91 1.83
N PRO A 287 -12.14 17.66 1.48
CA PRO A 287 -12.72 18.26 0.27
C PRO A 287 -12.83 19.79 0.35
N ILE A 288 -12.74 20.33 1.56
CA ILE A 288 -12.82 21.77 1.81
C ILE A 288 -11.62 22.49 1.17
N CYS A 289 -10.44 22.00 1.51
CA CYS A 289 -9.12 22.50 1.05
C CYS A 289 -9.10 23.37 -0.23
N LYS A 290 -9.68 22.85 -1.31
CA LYS A 290 -9.59 23.47 -2.64
C LYS A 290 -9.83 24.98 -2.66
N ASP A 291 -10.65 25.48 -1.73
CA ASP A 291 -10.97 26.90 -1.70
C ASP A 291 -10.51 27.66 -0.46
N VAL A 292 -10.19 26.93 0.60
CA VAL A 292 -9.69 27.54 1.84
C VAL A 292 -8.20 27.86 1.75
N LEU A 293 -7.51 27.19 0.82
CA LEU A 293 -6.07 27.35 0.69
C LEU A 293 -5.64 28.23 -0.47
N VAL A 294 -6.53 28.51 -1.42
CA VAL A 294 -6.16 29.29 -2.61
C VAL A 294 -5.42 30.58 -2.22
N ARG A 295 -5.89 31.23 -1.16
CA ARG A 295 -5.34 32.50 -0.71
C ARG A 295 -3.96 32.36 -0.04
N HIS A 296 -3.64 31.17 0.43
CA HIS A 296 -2.37 30.94 1.14
C HIS A 296 -1.26 30.38 0.22
N LEU A 297 -1.64 30.01 -1.00
CA LEU A 297 -0.74 29.36 -1.95
C LEU A 297 0.60 30.06 -2.27
N PRO A 298 0.58 31.39 -2.54
CA PRO A 298 1.87 32.01 -2.87
C PRO A 298 2.84 32.07 -1.69
N LYS A 299 2.38 31.64 -0.52
CA LYS A 299 3.20 31.55 0.68
C LYS A 299 3.53 30.09 1.04
N LEU A 300 2.63 29.17 0.67
CA LEU A 300 2.78 27.74 0.99
C LEU A 300 3.80 27.03 0.10
N ILE A 301 3.66 27.23 -1.21
CA ILE A 301 4.52 26.56 -2.22
C ILE A 301 6.02 26.74 -1.92
N PRO A 302 6.49 28.01 -1.78
CA PRO A 302 7.91 28.25 -1.45
C PRO A 302 8.35 27.55 -0.16
N VAL A 303 7.45 27.49 0.82
CA VAL A 303 7.71 26.81 2.09
C VAL A 303 7.90 25.31 1.87
N LEU A 304 7.03 24.71 1.06
CA LEU A 304 7.15 23.32 0.64
C LEU A 304 8.41 23.09 -0.21
N VAL A 305 8.60 23.93 -1.23
CA VAL A 305 9.69 23.74 -2.18
C VAL A 305 11.08 23.90 -1.54
N ASN A 306 11.15 24.74 -0.52
CA ASN A 306 12.39 24.88 0.25
C ASN A 306 12.64 23.67 1.16
N GLY A 307 11.56 23.05 1.62
CA GLY A 307 11.65 21.84 2.45
C GLY A 307 12.07 20.61 1.67
N MET A 308 11.87 20.64 0.35
CA MET A 308 12.21 19.54 -0.56
C MET A 308 13.71 19.43 -0.88
N LYS A 309 14.48 20.42 -0.44
CA LYS A 309 15.95 20.40 -0.56
C LYS A 309 16.50 19.31 0.36
N TYR A 310 17.46 18.54 -0.15
CA TYR A 310 18.13 17.53 0.67
C TYR A 310 18.78 18.18 1.89
N SER A 311 18.31 17.82 3.08
CA SER A 311 18.96 18.24 4.32
C SER A 311 20.37 17.66 4.31
N ASP A 312 21.37 18.51 4.53
CA ASP A 312 22.77 18.15 4.33
C ASP A 312 23.20 16.83 4.96
N ILE A 313 22.53 16.42 6.04
CA ILE A 313 22.81 15.12 6.66
C ILE A 313 22.45 13.94 5.75
N ASP A 314 21.42 14.12 4.92
CA ASP A 314 21.01 13.12 3.94
C ASP A 314 22.12 12.85 2.93
N ILE A 315 22.82 13.90 2.52
CA ILE A 315 23.89 13.81 1.53
C ILE A 315 24.94 12.77 1.90
N ILE A 316 25.38 12.79 3.16
CA ILE A 316 26.47 11.93 3.59
C ILE A 316 26.01 10.49 3.87
N LEU A 317 24.82 10.34 4.44
CA LEU A 317 24.25 9.01 4.71
C LEU A 317 23.87 8.26 3.42
N LEU A 318 23.48 9.01 2.39
CA LEU A 318 23.24 8.43 1.07
C LEU A 318 24.58 8.12 0.40
N LYS A 319 25.14 9.11 -0.31
CA LYS A 319 26.45 8.95 -0.97
C LYS A 319 27.33 10.19 -0.81
N ASP A 366 26.30 -2.03 4.52
CA ASP A 366 24.88 -2.04 4.91
C ASP A 366 24.00 -1.35 3.85
N ASP A 367 22.69 -1.55 3.96
CA ASP A 367 21.71 -0.90 3.08
C ASP A 367 21.71 0.62 3.34
N ASP A 368 22.37 1.37 2.46
CA ASP A 368 22.53 2.82 2.62
C ASP A 368 21.25 3.58 2.30
N THR A 369 20.46 3.86 3.34
CA THR A 369 19.16 4.55 3.20
C THR A 369 18.84 5.51 4.35
N ILE A 370 18.12 6.58 4.01
CA ILE A 370 17.53 7.51 4.96
C ILE A 370 16.24 6.92 5.52
N SER A 371 15.75 7.49 6.62
CA SER A 371 14.47 7.12 7.22
C SER A 371 13.30 7.17 6.24
N ASP A 372 12.26 6.39 6.55
CA ASP A 372 11.01 6.38 5.79
C ASP A 372 10.38 7.75 5.61
N TRP A 373 10.48 8.61 6.63
CA TRP A 373 9.73 9.86 6.69
C TRP A 373 10.55 11.09 7.09
N ASN A 374 10.58 12.07 6.18
CA ASN A 374 11.41 13.29 6.30
C ASN A 374 10.58 14.54 6.09
N LEU A 375 11.13 15.69 6.46
CA LEU A 375 10.57 16.94 6.01
C LEU A 375 10.53 17.00 4.47
N ARG A 376 11.64 16.63 3.83
CA ARG A 376 11.71 16.56 2.37
C ARG A 376 10.57 15.72 1.78
N LYS A 377 10.41 14.51 2.29
CA LYS A 377 9.40 13.59 1.77
C LYS A 377 7.99 14.11 1.98
N CYS A 378 7.74 14.63 3.19
CA CYS A 378 6.44 15.19 3.55
C CYS A 378 6.08 16.39 2.67
N SER A 379 7.06 17.27 2.46
CA SER A 379 6.87 18.45 1.62
C SER A 379 6.55 18.04 0.18
N ALA A 380 7.33 17.10 -0.33
CA ALA A 380 7.14 16.53 -1.67
C ALA A 380 5.78 15.86 -1.82
N ALA A 381 5.39 15.10 -0.79
CA ALA A 381 4.08 14.45 -0.77
C ALA A 381 2.94 15.46 -0.82
N ALA A 382 3.06 16.52 -0.02
CA ALA A 382 2.01 17.54 0.04
C ALA A 382 1.89 18.26 -1.31
N LEU A 383 3.03 18.55 -1.92
CA LEU A 383 3.05 19.17 -3.24
C LEU A 383 2.29 18.31 -4.25
N ASP A 384 2.62 17.01 -4.28
CA ASP A 384 1.97 16.03 -5.14
C ASP A 384 0.44 16.00 -4.96
N VAL A 385 -0.02 16.11 -3.71
CA VAL A 385 -1.46 16.07 -3.44
C VAL A 385 -2.12 17.40 -3.81
N LEU A 386 -1.45 18.52 -3.54
CA LEU A 386 -1.97 19.84 -3.91
C LEU A 386 -1.98 20.00 -5.43
N ALA A 387 -0.96 19.44 -6.08
CA ALA A 387 -0.90 19.41 -7.54
C ALA A 387 -2.16 18.75 -8.10
N ASN A 388 -2.55 17.62 -7.49
CA ASN A 388 -3.74 16.89 -7.91
C ASN A 388 -5.07 17.61 -7.56
N VAL A 389 -5.03 18.51 -6.58
CA VAL A 389 -6.22 19.28 -6.19
C VAL A 389 -6.46 20.50 -7.11
N TYR A 390 -5.39 21.22 -7.45
CA TYR A 390 -5.51 22.44 -8.24
C TYR A 390 -5.30 22.27 -9.75
N ARG A 391 -4.72 21.15 -10.17
CA ARG A 391 -4.40 20.90 -11.58
C ARG A 391 -3.54 22.04 -12.14
N ASP A 392 -3.91 22.57 -13.31
CA ASP A 392 -3.16 23.64 -13.98
C ASP A 392 -3.17 24.95 -13.21
N GLU A 393 -4.19 25.12 -12.37
CA GLU A 393 -4.35 26.32 -11.55
C GLU A 393 -3.20 26.46 -10.55
N LEU A 394 -2.36 25.43 -10.45
CA LEU A 394 -1.21 25.47 -9.57
C LEU A 394 0.05 25.92 -10.30
N LEU A 395 0.03 25.85 -11.63
CA LEU A 395 1.19 26.21 -12.45
C LEU A 395 1.69 27.65 -12.25
N PRO A 396 0.79 28.65 -12.27
CA PRO A 396 1.25 30.02 -11.99
C PRO A 396 2.05 30.15 -10.68
N HIS A 397 1.68 29.39 -9.65
CA HIS A 397 2.34 29.48 -8.35
C HIS A 397 3.71 28.81 -8.30
N ILE A 398 3.90 27.79 -9.13
CA ILE A 398 5.12 26.96 -9.08
C ILE A 398 6.13 27.25 -10.19
N LEU A 399 5.66 27.44 -11.42
CA LEU A 399 6.54 27.60 -12.60
C LEU A 399 7.72 28.57 -12.44
N PRO A 400 7.47 29.83 -12.03
CA PRO A 400 8.59 30.76 -11.81
C PRO A 400 9.74 30.14 -11.00
N LEU A 401 9.41 29.35 -9.97
CA LEU A 401 10.40 28.70 -9.12
C LEU A 401 11.19 27.62 -9.85
N LEU A 402 10.55 26.93 -10.78
CA LEU A 402 11.21 25.87 -11.52
C LEU A 402 12.35 26.40 -12.39
N LYS A 403 12.07 27.43 -13.18
CA LYS A 403 13.09 28.09 -13.99
C LYS A 403 14.33 28.37 -13.14
N GLU A 404 14.10 28.95 -11.96
CA GLU A 404 15.16 29.31 -11.03
C GLU A 404 15.95 28.11 -10.51
N LEU A 405 15.26 26.97 -10.33
CA LEU A 405 15.85 25.81 -9.68
C LEU A 405 16.52 24.82 -10.65
N LEU A 406 15.85 24.51 -11.75
CA LEU A 406 16.31 23.49 -12.70
C LEU A 406 17.72 23.73 -13.24
N PHE A 407 18.07 25.00 -13.42
CA PHE A 407 19.34 25.37 -14.04
C PHE A 407 20.42 25.75 -13.02
N HIS A 408 20.00 26.15 -11.82
CA HIS A 408 20.89 26.55 -10.73
C HIS A 408 22.17 25.71 -10.65
N HIS A 409 23.30 26.37 -10.41
CA HIS A 409 24.63 25.74 -10.44
C HIS A 409 24.88 24.78 -9.27
N GLU A 410 24.38 25.12 -8.08
CA GLU A 410 24.45 24.23 -6.92
C GLU A 410 23.53 23.04 -7.15
N TRP A 411 24.08 21.84 -7.05
CA TRP A 411 23.36 20.64 -7.45
C TRP A 411 22.22 20.29 -6.48
N VAL A 412 22.44 20.49 -5.18
CA VAL A 412 21.40 20.22 -4.18
C VAL A 412 20.12 20.98 -4.52
N VAL A 413 20.29 22.22 -5.00
CA VAL A 413 19.16 23.03 -5.47
C VAL A 413 18.57 22.45 -6.76
N LYS A 414 19.42 22.19 -7.74
CA LYS A 414 18.99 21.56 -9.00
C LYS A 414 18.20 20.27 -8.77
N GLU A 415 18.73 19.41 -7.90
CA GLU A 415 18.09 18.14 -7.56
C GLU A 415 16.64 18.38 -7.17
N SER A 416 16.44 19.26 -6.18
CA SER A 416 15.11 19.55 -5.67
C SER A 416 14.19 20.11 -6.75
N GLY A 417 14.76 20.77 -7.74
CA GLY A 417 14.02 21.26 -8.89
C GLY A 417 13.47 20.11 -9.71
N ILE A 418 14.34 19.17 -10.03
CA ILE A 418 13.95 17.96 -10.77
C ILE A 418 12.90 17.20 -9.94
N LEU A 419 13.12 17.10 -8.63
CA LEU A 419 12.15 16.49 -7.73
C LEU A 419 10.79 17.17 -7.84
N VAL A 420 10.75 18.50 -7.74
CA VAL A 420 9.52 19.27 -7.98
C VAL A 420 8.88 18.94 -9.33
N LEU A 421 9.69 18.93 -10.38
CA LEU A 421 9.20 18.68 -11.73
C LEU A 421 8.47 17.34 -11.79
N GLY A 422 9.00 16.36 -11.07
CA GLY A 422 8.35 15.05 -11.00
C GLY A 422 7.14 15.06 -10.09
N ALA A 423 7.20 15.86 -9.03
CA ALA A 423 6.15 15.88 -8.01
C ALA A 423 4.83 16.44 -8.54
N ILE A 424 4.93 17.46 -9.39
CA ILE A 424 3.75 18.12 -9.95
C ILE A 424 3.23 17.37 -11.18
N ALA A 425 4.03 16.44 -11.68
CA ALA A 425 3.78 15.75 -12.96
C ALA A 425 2.36 15.23 -13.16
N GLU A 426 1.80 14.60 -12.14
CA GLU A 426 0.50 13.93 -12.24
C GLU A 426 -0.68 14.90 -12.24
N GLY A 427 -0.79 15.72 -11.20
CA GLY A 427 -1.87 16.70 -11.11
C GLY A 427 -1.78 17.85 -12.10
N CYS A 428 -0.56 18.25 -12.47
CA CYS A 428 -0.33 19.41 -13.34
C CYS A 428 0.03 19.04 -14.77
N MET A 429 -0.33 17.82 -15.18
CA MET A 429 0.09 17.28 -16.47
C MET A 429 -0.27 18.14 -17.70
N GLN A 430 -1.55 18.44 -17.86
CA GLN A 430 -2.06 19.07 -19.10
C GLN A 430 -1.43 20.43 -19.40
N GLY A 431 -1.11 21.16 -18.34
CA GLY A 431 -0.47 22.45 -18.48
C GLY A 431 1.06 22.36 -18.41
N MET A 432 1.58 21.15 -18.30
CA MET A 432 3.02 20.93 -18.30
C MET A 432 3.52 20.57 -19.70
N ILE A 433 2.62 19.96 -20.48
CA ILE A 433 2.91 19.49 -21.84
C ILE A 433 3.55 20.55 -22.74
N PRO A 434 2.97 21.78 -22.80
CA PRO A 434 3.57 22.87 -23.60
C PRO A 434 5.08 23.11 -23.35
N TYR A 435 5.52 22.91 -22.11
CA TYR A 435 6.91 23.13 -21.72
C TYR A 435 7.81 21.89 -21.92
N LEU A 436 7.21 20.76 -22.29
CA LEU A 436 7.93 19.49 -22.34
C LEU A 436 8.94 19.26 -23.50
N PRO A 437 8.65 19.79 -24.71
CA PRO A 437 9.65 19.71 -25.78
C PRO A 437 11.02 20.36 -25.48
N GLU A 438 11.14 21.05 -24.34
CA GLU A 438 12.40 21.64 -23.90
C GLU A 438 12.94 20.91 -22.68
N LEU A 439 12.05 20.52 -21.78
CA LEU A 439 12.43 19.96 -20.49
C LEU A 439 12.95 18.54 -20.55
N ILE A 440 12.36 17.74 -21.44
CA ILE A 440 12.78 16.36 -21.60
C ILE A 440 14.23 16.26 -22.10
N PRO A 441 14.58 16.93 -23.22
CA PRO A 441 15.97 16.85 -23.67
C PRO A 441 16.97 17.35 -22.62
N HIS A 442 16.53 18.30 -21.79
CA HIS A 442 17.34 18.79 -20.69
C HIS A 442 17.58 17.68 -19.67
N LEU A 443 16.50 17.03 -19.25
CA LEU A 443 16.59 15.96 -18.28
C LEU A 443 17.42 14.81 -18.81
N ILE A 444 17.21 14.43 -20.07
CA ILE A 444 18.00 13.40 -20.73
C ILE A 444 19.50 13.69 -20.61
N GLN A 445 19.86 14.97 -20.71
CA GLN A 445 21.25 15.39 -20.51
C GLN A 445 21.68 15.25 -19.04
N CYS A 446 20.79 15.61 -18.12
CA CYS A 446 21.04 15.48 -16.68
C CYS A 446 21.28 14.03 -16.23
N LEU A 447 20.84 13.06 -17.03
CA LEU A 447 21.12 11.66 -16.73
C LEU A 447 22.63 11.38 -16.79
N SER A 448 23.39 12.35 -17.29
CA SER A 448 24.85 12.24 -17.39
C SER A 448 25.57 13.18 -16.43
N ASP A 449 24.83 13.84 -15.55
CA ASP A 449 25.40 14.73 -14.53
C ASP A 449 26.32 13.93 -13.61
N LYS A 450 27.39 14.56 -13.12
CA LYS A 450 28.42 13.85 -12.35
C LYS A 450 27.95 13.42 -10.96
N LYS A 451 27.03 14.18 -10.39
CA LYS A 451 26.43 13.85 -9.09
C LYS A 451 25.38 12.74 -9.23
N ALA A 452 25.62 11.63 -8.54
CA ALA A 452 24.74 10.45 -8.58
C ALA A 452 23.28 10.76 -8.23
N LEU A 453 23.07 11.59 -7.21
CA LEU A 453 21.71 11.87 -6.74
C LEU A 453 20.92 12.70 -7.74
N VAL A 454 21.62 13.40 -8.63
CA VAL A 454 20.97 14.11 -9.72
C VAL A 454 20.49 13.11 -10.79
N ARG A 455 21.36 12.17 -11.16
CA ARG A 455 20.97 11.12 -12.11
C ARG A 455 19.78 10.33 -11.56
N SER A 456 19.82 10.08 -10.24
CA SER A 456 18.74 9.43 -9.54
C SER A 456 17.35 9.98 -9.90
N ILE A 457 16.97 11.15 -9.35
CA ILE A 457 15.62 11.67 -9.59
C ILE A 457 15.31 11.99 -11.03
N THR A 458 16.34 12.24 -11.83
CA THR A 458 16.13 12.53 -13.24
C THR A 458 15.47 11.33 -13.94
N CYS A 459 15.95 10.12 -13.62
CA CYS A 459 15.34 8.88 -14.04
C CYS A 459 13.88 8.90 -13.64
N TRP A 460 13.63 9.17 -12.36
CA TRP A 460 12.29 9.15 -11.83
C TRP A 460 11.42 10.20 -12.51
N THR A 461 11.93 11.42 -12.64
CA THR A 461 11.14 12.51 -13.16
C THR A 461 10.77 12.28 -14.63
N LEU A 462 11.71 11.78 -15.41
CA LEU A 462 11.42 11.39 -16.78
C LEU A 462 10.33 10.30 -16.82
N SER A 463 10.40 9.36 -15.89
CA SER A 463 9.45 8.27 -15.88
C SER A 463 8.06 8.81 -15.59
N ARG A 464 8.00 9.95 -14.92
CA ARG A 464 6.71 10.57 -14.60
C ARG A 464 6.12 11.30 -15.79
N TYR A 465 6.90 11.44 -16.85
CA TYR A 465 6.41 12.02 -18.11
C TYR A 465 6.45 11.03 -19.28
N ALA A 466 6.65 9.75 -18.95
CA ALA A 466 6.76 8.67 -19.93
C ALA A 466 5.61 8.65 -20.94
N HIS A 467 4.39 8.86 -20.44
CA HIS A 467 3.19 8.83 -21.28
C HIS A 467 3.30 9.81 -22.46
N TRP A 468 3.69 11.04 -22.18
CA TRP A 468 3.87 12.05 -23.22
C TRP A 468 4.95 11.59 -24.21
N VAL A 469 6.09 11.17 -23.67
CA VAL A 469 7.25 10.74 -24.46
C VAL A 469 6.89 9.71 -25.54
N VAL A 470 6.07 8.72 -25.18
CA VAL A 470 5.66 7.69 -26.15
C VAL A 470 4.62 8.19 -27.16
N SER A 471 3.91 9.26 -26.83
CA SER A 471 2.92 9.83 -27.73
C SER A 471 3.53 10.77 -28.76
N GLN A 472 4.83 10.58 -29.03
CA GLN A 472 5.62 11.43 -29.92
C GLN A 472 6.39 10.54 -30.91
N PRO A 473 6.81 11.10 -32.07
CA PRO A 473 7.76 10.35 -32.91
C PRO A 473 8.97 9.87 -32.10
N PRO A 474 9.17 8.53 -32.06
CA PRO A 474 10.07 7.85 -31.12
C PRO A 474 11.55 8.22 -31.20
N ASP A 475 12.01 8.66 -32.37
CA ASP A 475 13.42 8.98 -32.59
C ASP A 475 13.93 10.16 -31.76
N THR A 476 13.03 11.06 -31.39
CA THR A 476 13.45 12.34 -30.79
C THR A 476 13.39 12.32 -29.26
N TYR A 477 12.47 11.56 -28.70
CA TYR A 477 12.30 11.51 -27.26
C TYR A 477 12.42 10.11 -26.67
N LEU A 478 11.80 9.12 -27.32
CA LEU A 478 11.81 7.76 -26.78
C LEU A 478 13.17 7.08 -26.98
N LYS A 479 13.72 7.18 -28.18
CA LYS A 479 14.99 6.53 -28.49
C LYS A 479 16.13 6.99 -27.56
N PRO A 480 16.37 8.30 -27.45
CA PRO A 480 17.48 8.75 -26.59
C PRO A 480 17.24 8.47 -25.09
N LEU A 481 15.99 8.62 -24.64
CA LEU A 481 15.63 8.31 -23.25
C LEU A 481 15.96 6.84 -22.92
N MET A 482 15.51 5.94 -23.78
CA MET A 482 15.79 4.54 -23.65
C MET A 482 17.31 4.27 -23.60
N THR A 483 18.04 4.86 -24.53
CA THR A 483 19.50 4.72 -24.63
C THR A 483 20.24 5.06 -23.34
N GLU A 484 19.89 6.19 -22.74
CA GLU A 484 20.61 6.69 -21.56
C GLU A 484 20.16 5.94 -20.32
N LEU A 485 18.91 5.51 -20.31
CA LEU A 485 18.38 4.69 -19.23
C LEU A 485 19.05 3.32 -19.15
N LEU A 486 19.24 2.68 -20.30
CA LEU A 486 19.95 1.41 -20.39
C LEU A 486 21.38 1.54 -19.88
N LYS A 487 22.06 2.62 -20.23
CA LYS A 487 23.38 2.88 -19.69
C LYS A 487 23.26 2.99 -18.17
N ARG A 488 22.24 3.71 -17.72
CA ARG A 488 22.08 4.03 -16.31
C ARG A 488 21.70 2.82 -15.45
N ILE A 489 21.00 1.86 -16.05
CA ILE A 489 20.65 0.60 -15.38
C ILE A 489 21.92 -0.08 -14.90
N LEU A 490 23.05 0.21 -15.55
CA LEU A 490 24.33 -0.39 -15.20
C LEU A 490 25.26 0.61 -14.52
N ASP A 491 24.68 1.71 -14.04
CA ASP A 491 25.41 2.75 -13.28
C ASP A 491 26.13 2.13 -12.08
N SER A 492 27.26 2.71 -11.72
CA SER A 492 28.06 2.23 -10.61
C SER A 492 27.37 2.44 -9.25
N ASN A 493 26.38 3.34 -9.22
CA ASN A 493 25.68 3.68 -7.99
C ASN A 493 24.39 2.89 -7.81
N LYS A 494 24.29 2.20 -6.65
CA LYS A 494 23.17 1.34 -6.33
C LYS A 494 21.84 2.08 -6.46
N ARG A 495 21.80 3.30 -5.93
CA ARG A 495 20.57 4.08 -5.89
C ARG A 495 20.19 4.52 -7.31
N VAL A 496 21.19 4.83 -8.12
CA VAL A 496 20.94 5.14 -9.54
C VAL A 496 20.36 3.92 -10.30
N GLN A 497 20.90 2.71 -10.05
CA GLN A 497 20.38 1.50 -10.69
C GLN A 497 18.92 1.29 -10.32
N GLU A 498 18.63 1.40 -9.03
CA GLU A 498 17.27 1.29 -8.52
C GLU A 498 16.33 2.21 -9.29
N ALA A 499 16.74 3.48 -9.40
CA ALA A 499 15.93 4.49 -10.08
C ALA A 499 15.84 4.24 -11.58
N ALA A 500 16.97 3.88 -12.20
CA ALA A 500 17.05 3.68 -13.64
C ALA A 500 16.22 2.48 -14.07
N CYS A 501 16.34 1.40 -13.32
CA CYS A 501 15.59 0.19 -13.58
C CYS A 501 14.09 0.43 -13.44
N SER A 502 13.69 1.17 -12.39
CA SER A 502 12.28 1.53 -12.18
C SER A 502 11.78 2.38 -13.32
N ALA A 503 12.54 3.42 -13.63
CA ALA A 503 12.16 4.30 -14.70
C ALA A 503 11.94 3.49 -15.97
N PHE A 504 12.90 2.61 -16.29
CA PHE A 504 12.77 1.77 -17.48
C PHE A 504 11.51 0.91 -17.49
N ALA A 505 11.15 0.36 -16.33
CA ALA A 505 9.94 -0.44 -16.18
C ALA A 505 8.68 0.39 -16.48
N THR A 506 8.60 1.59 -15.89
CA THR A 506 7.52 2.52 -16.16
C THR A 506 7.42 2.83 -17.65
N LEU A 507 8.56 3.11 -18.26
CA LEU A 507 8.64 3.43 -19.67
C LEU A 507 8.18 2.28 -20.56
N GLU A 508 8.49 1.05 -20.14
CA GLU A 508 8.09 -0.16 -20.87
C GLU A 508 6.59 -0.36 -20.92
N GLU A 509 5.91 -0.07 -19.81
CA GLU A 509 4.47 -0.17 -19.73
C GLU A 509 3.85 0.79 -20.70
N GLU A 510 4.50 1.93 -20.86
CA GLU A 510 3.99 3.02 -21.66
C GLU A 510 4.37 2.87 -23.13
N ALA A 511 5.53 2.25 -23.38
CA ALA A 511 6.06 2.13 -24.73
C ALA A 511 5.45 0.98 -25.49
N CYS A 512 5.26 -0.13 -24.80
CA CYS A 512 4.81 -1.38 -25.40
C CYS A 512 5.62 -1.78 -26.63
N THR A 513 4.91 -2.17 -27.68
CA THR A 513 5.53 -2.69 -28.89
C THR A 513 6.50 -1.70 -29.55
N GLU A 514 6.41 -0.43 -29.18
CA GLU A 514 7.37 0.55 -29.67
C GLU A 514 8.79 0.22 -29.19
N LEU A 515 8.91 -0.85 -28.42
CA LEU A 515 10.21 -1.34 -27.93
C LEU A 515 10.71 -2.51 -28.74
N VAL A 516 9.82 -3.14 -29.50
CA VAL A 516 10.17 -4.33 -30.28
C VAL A 516 11.51 -4.22 -31.01
N PRO A 517 11.71 -3.16 -31.81
CA PRO A 517 12.96 -3.12 -32.58
C PRO A 517 14.21 -3.11 -31.70
N TYR A 518 14.08 -2.68 -30.45
CA TYR A 518 15.23 -2.52 -29.59
C TYR A 518 15.50 -3.68 -28.62
N LEU A 519 14.75 -4.77 -28.79
CA LEU A 519 14.81 -5.92 -27.88
C LEU A 519 16.19 -6.54 -27.66
N ALA A 520 17.00 -6.60 -28.72
CA ALA A 520 18.33 -7.20 -28.63
C ALA A 520 19.17 -6.46 -27.60
N TYR A 521 19.10 -5.14 -27.65
CA TYR A 521 19.90 -4.28 -26.78
C TYR A 521 19.36 -4.31 -25.36
N ILE A 522 18.04 -4.21 -25.23
CA ILE A 522 17.38 -4.21 -23.92
C ILE A 522 17.72 -5.45 -23.11
N LEU A 523 17.50 -6.62 -23.71
CA LEU A 523 17.76 -7.89 -23.05
C LEU A 523 19.21 -8.03 -22.68
N ASP A 524 20.09 -7.59 -23.58
CA ASP A 524 21.52 -7.66 -23.34
C ASP A 524 21.87 -7.04 -21.99
N THR A 525 21.47 -5.79 -21.77
CA THR A 525 21.79 -5.12 -20.52
C THR A 525 20.96 -5.64 -19.33
N LEU A 526 19.70 -6.01 -19.55
CA LEU A 526 18.87 -6.55 -18.47
C LEU A 526 19.44 -7.86 -17.91
N VAL A 527 19.84 -8.78 -18.79
CA VAL A 527 20.46 -10.03 -18.35
C VAL A 527 21.84 -9.83 -17.72
N PHE A 528 22.57 -8.82 -18.17
CA PHE A 528 23.88 -8.57 -17.56
C PHE A 528 23.67 -8.07 -16.13
N ALA A 529 22.75 -7.11 -15.98
CA ALA A 529 22.37 -6.62 -14.67
C ALA A 529 22.01 -7.81 -13.80
N PHE A 530 21.31 -8.78 -14.38
CA PHE A 530 20.93 -9.98 -13.65
C PHE A 530 22.12 -10.67 -12.95
N SER A 531 23.28 -10.63 -13.59
CA SER A 531 24.46 -11.31 -13.06
C SER A 531 25.25 -10.41 -12.10
N LYS A 532 24.77 -9.18 -11.93
CA LYS A 532 25.48 -8.14 -11.20
C LYS A 532 24.67 -7.62 -10.00
N TYR A 533 23.40 -7.31 -10.23
CA TYR A 533 22.51 -6.71 -9.22
C TYR A 533 22.48 -7.48 -7.90
N GLN A 534 22.73 -6.73 -6.82
CA GLN A 534 22.80 -7.21 -5.44
C GLN A 534 21.58 -8.03 -4.98
N HIS A 535 20.56 -7.36 -4.44
CA HIS A 535 19.41 -8.08 -3.89
C HIS A 535 18.18 -7.21 -3.86
N LYS A 536 18.32 -6.02 -3.29
CA LYS A 536 17.26 -5.03 -3.28
C LYS A 536 16.93 -4.65 -4.72
N ASN A 537 17.97 -4.43 -5.51
CA ASN A 537 17.82 -4.09 -6.93
C ASN A 537 17.32 -5.23 -7.80
N LEU A 538 17.44 -6.46 -7.30
CA LEU A 538 17.01 -7.64 -8.03
C LEU A 538 15.49 -7.69 -8.12
N LEU A 539 14.82 -7.36 -7.02
CA LEU A 539 13.36 -7.19 -7.02
C LEU A 539 12.91 -6.30 -8.17
N ILE A 540 13.55 -5.14 -8.31
CA ILE A 540 13.18 -4.18 -9.36
C ILE A 540 13.46 -4.72 -10.75
N LEU A 541 14.58 -5.42 -10.89
CA LEU A 541 15.00 -5.99 -12.16
C LEU A 541 14.04 -7.05 -12.67
N TYR A 542 13.58 -7.92 -11.77
CA TYR A 542 12.57 -8.92 -12.11
C TYR A 542 11.34 -8.25 -12.64
N ASP A 543 10.93 -7.20 -11.94
CA ASP A 543 9.83 -6.35 -12.34
C ASP A 543 9.99 -5.84 -13.76
N ALA A 544 11.20 -5.36 -14.09
CA ALA A 544 11.48 -4.79 -15.40
C ALA A 544 11.36 -5.81 -16.52
N ILE A 545 11.71 -7.06 -16.20
CA ILE A 545 11.66 -8.14 -17.19
C ILE A 545 10.22 -8.61 -17.41
N GLY A 546 9.49 -8.86 -16.33
CA GLY A 546 8.10 -9.28 -16.43
C GLY A 546 7.33 -8.28 -17.28
N THR A 547 7.54 -7.00 -16.97
CA THR A 547 6.92 -5.90 -17.68
C THR A 547 7.32 -5.88 -19.16
N LEU A 548 8.61 -6.13 -19.44
CA LEU A 548 9.11 -6.20 -20.80
C LEU A 548 8.22 -7.15 -21.58
N ALA A 549 8.12 -8.36 -21.04
CA ALA A 549 7.34 -9.46 -21.57
C ALA A 549 5.86 -9.09 -21.73
N ASP A 550 5.28 -8.46 -20.72
CA ASP A 550 3.88 -8.01 -20.81
C ASP A 550 3.66 -7.02 -21.94
N SER A 551 4.67 -6.21 -22.23
CA SER A 551 4.54 -5.12 -23.18
C SER A 551 4.72 -5.59 -24.60
N VAL A 552 5.67 -6.49 -24.81
CA VAL A 552 6.00 -6.97 -26.16
C VAL A 552 5.32 -8.29 -26.50
N GLY A 553 4.80 -8.98 -25.48
CA GLY A 553 4.11 -10.26 -25.67
C GLY A 553 4.84 -11.17 -26.65
N HIS A 554 4.11 -11.67 -27.64
CA HIS A 554 4.63 -12.69 -28.54
C HIS A 554 5.94 -12.31 -29.25
N HIS A 555 6.17 -11.00 -29.45
CA HIS A 555 7.40 -10.50 -30.09
C HIS A 555 8.67 -10.95 -29.39
N LEU A 556 8.55 -11.36 -28.13
CA LEU A 556 9.68 -11.87 -27.37
C LEU A 556 10.03 -13.32 -27.76
N ASN A 557 9.13 -13.98 -28.48
CA ASN A 557 9.30 -15.38 -28.85
C ASN A 557 10.14 -15.56 -30.12
N LYS A 558 11.43 -15.33 -29.98
CA LYS A 558 12.42 -15.56 -31.03
C LYS A 558 13.62 -16.27 -30.38
N PRO A 559 14.21 -17.26 -31.09
CA PRO A 559 15.26 -18.08 -30.48
C PRO A 559 16.41 -17.27 -29.91
N GLU A 560 16.79 -16.18 -30.58
CA GLU A 560 17.86 -15.31 -30.08
C GLU A 560 17.54 -14.63 -28.74
N TYR A 561 16.27 -14.29 -28.50
CA TYR A 561 15.89 -13.66 -27.25
C TYR A 561 15.79 -14.68 -26.11
N ILE A 562 15.25 -15.86 -26.44
CA ILE A 562 15.11 -16.96 -25.49
C ILE A 562 16.49 -17.39 -24.99
N GLN A 563 17.43 -17.55 -25.92
CA GLN A 563 18.80 -17.91 -25.57
C GLN A 563 19.46 -16.93 -24.60
N MET A 564 19.05 -15.67 -24.67
CA MET A 564 19.57 -14.68 -23.76
C MET A 564 18.81 -14.72 -22.44
N LEU A 565 17.49 -14.70 -22.53
CA LEU A 565 16.67 -14.49 -21.35
C LEU A 565 16.56 -15.70 -20.40
N MET A 566 16.43 -16.89 -20.96
CA MET A 566 16.13 -18.09 -20.16
C MET A 566 17.30 -18.67 -19.36
N PRO A 567 18.50 -18.81 -19.96
CA PRO A 567 19.58 -19.36 -19.13
C PRO A 567 19.68 -18.79 -17.71
N PRO A 568 19.71 -17.46 -17.55
CA PRO A 568 19.94 -16.94 -16.19
C PRO A 568 18.74 -17.17 -15.24
N LEU A 569 17.54 -17.26 -15.79
CA LEU A 569 16.34 -17.52 -14.97
C LEU A 569 16.30 -18.97 -14.50
N ILE A 570 16.83 -19.87 -15.32
CA ILE A 570 16.90 -21.28 -14.98
C ILE A 570 18.00 -21.46 -13.94
N GLN A 571 19.09 -20.71 -14.11
CA GLN A 571 20.13 -20.65 -13.11
C GLN A 571 19.48 -20.35 -11.76
N LYS A 572 18.78 -19.23 -11.66
CA LYS A 572 18.10 -18.87 -10.43
C LYS A 572 17.15 -19.97 -9.96
N TRP A 573 16.35 -20.49 -10.89
CA TRP A 573 15.37 -21.53 -10.61
C TRP A 573 16.03 -22.72 -9.91
N ASN A 574 16.99 -23.34 -10.57
CA ASN A 574 17.62 -24.57 -10.06
C ASN A 574 18.34 -24.42 -8.73
N MET A 575 18.84 -23.22 -8.45
CA MET A 575 19.67 -23.02 -7.27
C MET A 575 18.90 -22.60 -6.01
N LEU A 576 17.65 -22.17 -6.18
CA LEU A 576 16.76 -21.88 -5.06
C LEU A 576 15.97 -23.09 -4.61
N LYS A 577 15.82 -23.21 -3.29
CA LYS A 577 15.09 -24.32 -2.69
C LYS A 577 13.61 -23.97 -2.54
N ASP A 578 12.76 -25.00 -2.51
CA ASP A 578 11.31 -24.83 -2.37
C ASP A 578 10.87 -24.06 -1.13
N GLU A 579 11.76 -23.96 -0.14
CA GLU A 579 11.46 -23.30 1.13
C GLU A 579 11.94 -21.85 1.13
N ASP A 580 12.45 -21.39 -0.01
CA ASP A 580 13.13 -20.10 -0.09
C ASP A 580 12.25 -19.01 -0.71
N LYS A 581 12.07 -17.93 0.03
CA LYS A 581 11.17 -16.83 -0.36
C LYS A 581 11.69 -15.98 -1.54
N ASP A 582 12.90 -16.29 -2.02
CA ASP A 582 13.43 -15.64 -3.20
C ASP A 582 12.78 -16.17 -4.48
N LEU A 583 11.99 -17.23 -4.33
CA LEU A 583 11.23 -17.78 -5.44
C LEU A 583 10.08 -16.85 -5.82
N PHE A 584 9.55 -16.08 -4.87
CA PHE A 584 8.38 -15.24 -5.14
C PHE A 584 8.59 -14.35 -6.38
N PRO A 585 9.58 -13.45 -6.34
CA PRO A 585 9.75 -12.55 -7.49
C PRO A 585 10.18 -13.32 -8.74
N LEU A 586 10.76 -14.50 -8.56
CA LEU A 586 11.21 -15.28 -9.70
C LEU A 586 10.03 -15.88 -10.48
N LEU A 587 9.17 -16.62 -9.78
CA LEU A 587 8.01 -17.25 -10.39
C LEU A 587 7.05 -16.19 -10.95
N GLU A 588 6.86 -15.11 -10.19
CA GLU A 588 6.11 -13.96 -10.72
C GLU A 588 6.68 -13.48 -12.06
N CYS A 589 8.00 -13.28 -12.11
CA CYS A 589 8.66 -12.91 -13.36
C CYS A 589 8.40 -13.92 -14.49
N LEU A 590 8.59 -15.21 -14.17
CA LEU A 590 8.35 -16.31 -15.11
C LEU A 590 6.90 -16.39 -15.60
N SER A 591 5.93 -16.01 -14.77
CA SER A 591 4.57 -16.08 -15.25
C SER A 591 4.36 -15.10 -16.39
N SER A 592 5.08 -13.97 -16.35
CA SER A 592 5.03 -13.03 -17.46
C SER A 592 5.79 -13.54 -18.68
N VAL A 593 6.98 -14.09 -18.45
CA VAL A 593 7.85 -14.55 -19.53
C VAL A 593 7.22 -15.70 -20.29
N ALA A 594 6.55 -16.59 -19.56
CA ALA A 594 5.90 -17.75 -20.17
C ALA A 594 4.75 -17.33 -21.08
N THR A 595 3.89 -16.44 -20.59
CA THR A 595 2.81 -15.91 -21.40
C THR A 595 3.33 -15.31 -22.70
N ALA A 596 4.45 -14.58 -22.60
CA ALA A 596 5.01 -13.88 -23.76
C ALA A 596 5.69 -14.85 -24.73
N LEU A 597 6.40 -15.83 -24.19
CA LEU A 597 7.11 -16.81 -25.01
C LEU A 597 6.21 -17.82 -25.73
N GLN A 598 4.96 -17.95 -25.27
CA GLN A 598 4.05 -18.93 -25.85
C GLN A 598 4.70 -20.30 -26.07
N SER A 599 4.73 -20.80 -27.31
CA SER A 599 5.27 -22.16 -27.54
C SER A 599 6.79 -22.18 -27.52
N GLY A 600 7.39 -21.00 -27.46
CA GLY A 600 8.82 -20.90 -27.21
C GLY A 600 9.17 -21.39 -25.81
N PHE A 601 8.14 -21.57 -24.97
CA PHE A 601 8.35 -22.04 -23.60
C PHE A 601 8.30 -23.57 -23.44
N LEU A 602 7.81 -24.27 -24.46
CA LEU A 602 7.70 -25.73 -24.41
C LEU A 602 8.97 -26.43 -23.87
N PRO A 603 10.17 -25.98 -24.28
CA PRO A 603 11.34 -26.68 -23.75
C PRO A 603 11.37 -26.76 -22.22
N TYR A 604 10.80 -25.76 -21.55
CA TYR A 604 10.92 -25.59 -20.11
C TYR A 604 9.65 -25.97 -19.34
N CYS A 605 8.57 -26.19 -20.06
CA CYS A 605 7.24 -26.19 -19.44
C CYS A 605 6.96 -27.28 -18.42
N GLU A 606 7.35 -28.52 -18.68
CA GLU A 606 7.03 -29.60 -17.76
C GLU A 606 7.70 -29.50 -16.37
N PRO A 607 9.05 -29.36 -16.30
CA PRO A 607 9.59 -29.17 -14.95
C PRO A 607 8.94 -27.99 -14.23
N VAL A 608 8.57 -26.97 -15.00
CA VAL A 608 7.99 -25.75 -14.42
C VAL A 608 6.58 -26.05 -13.91
N TYR A 609 5.77 -26.70 -14.74
CA TYR A 609 4.45 -27.12 -14.33
C TYR A 609 4.52 -28.03 -13.11
N GLN A 610 5.55 -28.90 -13.09
CA GLN A 610 5.73 -29.92 -12.07
C GLN A 610 5.92 -29.28 -10.70
N ARG A 611 6.81 -28.30 -10.61
CA ARG A 611 7.14 -27.69 -9.32
C ARG A 611 6.01 -26.81 -8.77
N CYS A 612 5.28 -26.11 -9.64
CA CYS A 612 4.17 -25.26 -9.18
C CYS A 612 3.09 -26.06 -8.47
N VAL A 613 2.75 -27.20 -9.04
CA VAL A 613 1.79 -28.13 -8.46
C VAL A 613 2.30 -28.65 -7.10
N ASN A 614 3.59 -28.96 -7.04
CA ASN A 614 4.23 -29.37 -5.80
C ASN A 614 4.16 -28.32 -4.71
N LEU A 615 4.35 -27.06 -5.10
CA LEU A 615 4.36 -25.97 -4.15
C LEU A 615 2.97 -25.82 -3.57
N VAL A 616 1.95 -25.90 -4.44
CA VAL A 616 0.56 -25.81 -4.04
C VAL A 616 0.20 -26.98 -3.10
N GLN A 617 0.63 -28.18 -3.47
CA GLN A 617 0.38 -29.36 -2.63
C GLN A 617 1.09 -29.32 -1.26
N LYS A 618 2.37 -28.99 -1.23
CA LYS A 618 3.10 -28.91 0.05
C LYS A 618 2.56 -27.80 0.96
N THR A 619 1.89 -26.82 0.38
CA THR A 619 1.38 -25.72 1.19
C THR A 619 0.04 -26.10 1.83
N LEU A 620 -0.90 -26.58 1.02
CA LEU A 620 -2.18 -27.06 1.53
C LEU A 620 -2.00 -28.15 2.60
N ALA A 621 -1.05 -29.06 2.36
CA ALA A 621 -0.79 -30.18 3.25
C ALA A 621 -0.26 -29.69 4.59
N GLN A 622 0.65 -28.72 4.52
CA GLN A 622 1.22 -28.07 5.71
C GLN A 622 0.16 -27.32 6.51
N ALA A 623 -0.87 -26.83 5.82
CA ALA A 623 -1.96 -26.11 6.49
C ALA A 623 -2.80 -27.03 7.36
N MET A 624 -3.09 -28.23 6.85
CA MET A 624 -3.92 -29.22 7.55
C MET A 624 -3.19 -29.89 8.72
N LEU A 625 -1.88 -30.03 8.61
CA LEU A 625 -1.04 -30.54 9.69
C LEU A 625 -0.82 -29.47 10.76
N ASN A 626 -1.15 -28.23 10.41
CA ASN A 626 -1.14 -27.12 11.35
C ASN A 626 -2.52 -26.94 11.98
N ASN A 627 -3.56 -27.04 11.15
CA ASN A 627 -4.95 -26.87 11.60
C ASN A 627 -5.44 -28.01 12.51
N ALA A 628 -4.82 -29.18 12.40
CA ALA A 628 -5.13 -30.31 13.28
C ALA A 628 -4.10 -30.46 14.39
N GLN A 629 -2.91 -29.89 14.21
CA GLN A 629 -1.83 -30.04 15.19
C GLN A 629 -0.91 -28.82 15.36
N PRO A 630 -1.47 -27.68 15.81
CA PRO A 630 -0.67 -26.45 15.87
C PRO A 630 0.63 -26.57 16.67
N ASP A 631 0.61 -27.36 17.74
CA ASP A 631 1.77 -27.48 18.64
C ASP A 631 3.00 -28.15 17.99
N GLN A 632 2.77 -28.97 16.96
CA GLN A 632 3.85 -29.73 16.32
C GLN A 632 4.33 -29.12 15.00
N TYR A 633 3.38 -28.77 14.13
CA TYR A 633 3.68 -28.29 12.78
C TYR A 633 3.36 -26.80 12.61
N GLU A 634 4.33 -26.07 12.05
CA GLU A 634 4.22 -24.63 11.82
C GLU A 634 3.31 -24.30 10.63
N ALA A 635 2.72 -23.10 10.64
CA ALA A 635 1.84 -22.65 9.55
C ALA A 635 2.62 -22.29 8.29
N PRO A 636 2.08 -22.68 7.12
CA PRO A 636 2.79 -22.41 5.87
C PRO A 636 2.65 -20.96 5.39
N ASP A 637 3.64 -20.47 4.65
CA ASP A 637 3.53 -19.19 3.99
C ASP A 637 2.73 -19.38 2.70
N LYS A 638 1.52 -18.82 2.66
CA LYS A 638 0.63 -19.00 1.52
C LYS A 638 1.17 -18.37 0.23
N ASP A 639 2.17 -17.48 0.34
CA ASP A 639 2.75 -16.82 -0.84
C ASP A 639 3.33 -17.81 -1.86
N PHE A 640 3.91 -18.90 -1.36
CA PHE A 640 4.43 -19.97 -2.23
C PHE A 640 3.33 -20.51 -3.11
N MET A 641 2.15 -20.66 -2.51
CA MET A 641 0.98 -21.17 -3.20
C MET A 641 0.48 -20.14 -4.22
N ILE A 642 0.48 -18.85 -3.83
CA ILE A 642 0.01 -17.80 -4.72
C ILE A 642 0.85 -17.72 -6.00
N VAL A 643 2.17 -17.56 -5.85
CA VAL A 643 3.07 -17.39 -7.00
C VAL A 643 3.09 -18.64 -7.90
N ALA A 644 2.87 -19.81 -7.30
CA ALA A 644 2.80 -21.07 -8.04
C ALA A 644 1.53 -21.14 -8.86
N LEU A 645 0.41 -20.73 -8.26
CA LEU A 645 -0.85 -20.62 -8.97
C LEU A 645 -0.70 -19.62 -10.12
N ASP A 646 -0.07 -18.48 -9.81
CA ASP A 646 0.13 -17.43 -10.81
C ASP A 646 1.01 -17.89 -11.98
N LEU A 647 2.06 -18.66 -11.68
CA LEU A 647 2.93 -19.19 -12.74
C LEU A 647 2.20 -20.20 -13.59
N LEU A 648 1.38 -21.03 -12.94
CA LEU A 648 0.52 -21.97 -13.62
C LEU A 648 -0.40 -21.22 -14.59
N SER A 649 -0.92 -20.06 -14.16
CA SER A 649 -1.78 -19.22 -15.00
C SER A 649 -1.15 -18.83 -16.32
N GLY A 650 0.02 -18.20 -16.21
CA GLY A 650 0.70 -17.65 -17.37
C GLY A 650 1.19 -18.81 -18.18
N LEU A 651 1.28 -19.95 -17.53
CA LEU A 651 1.64 -21.15 -18.21
C LEU A 651 0.46 -21.64 -19.10
N ALA A 652 -0.76 -21.70 -18.55
CA ALA A 652 -1.94 -22.02 -19.38
C ALA A 652 -2.18 -20.99 -20.47
N GLU A 653 -1.89 -19.72 -20.18
CA GLU A 653 -2.14 -18.68 -21.15
C GLU A 653 -1.16 -18.73 -22.31
N GLY A 654 0.13 -18.90 -22.02
CA GLY A 654 1.13 -18.99 -23.07
C GLY A 654 0.98 -20.23 -23.95
N LEU A 655 0.46 -21.30 -23.36
CA LEU A 655 0.51 -22.61 -24.00
C LEU A 655 -0.82 -23.04 -24.62
N GLY A 656 -1.92 -22.40 -24.20
CA GLY A 656 -3.24 -22.79 -24.65
C GLY A 656 -3.44 -24.29 -24.50
N GLY A 657 -3.83 -24.94 -25.60
CA GLY A 657 -4.09 -26.38 -25.63
C GLY A 657 -2.90 -27.30 -25.37
N ASN A 658 -1.68 -26.81 -25.62
CA ASN A 658 -0.48 -27.56 -25.29
C ASN A 658 -0.32 -27.91 -23.82
N ILE A 659 -1.10 -27.28 -22.94
CA ILE A 659 -0.95 -27.58 -21.52
C ILE A 659 -1.74 -28.83 -21.15
N GLU A 660 -2.67 -29.22 -22.01
CA GLU A 660 -3.62 -30.27 -21.62
C GLU A 660 -2.99 -31.58 -21.08
N GLN A 661 -1.96 -32.09 -21.74
CA GLN A 661 -1.25 -33.27 -21.25
C GLN A 661 -0.65 -33.07 -19.84
N LEU A 662 -0.12 -31.88 -19.56
CA LEU A 662 0.38 -31.63 -18.22
C LEU A 662 -0.75 -31.59 -17.19
N VAL A 663 -1.95 -31.14 -17.61
CA VAL A 663 -3.09 -31.06 -16.71
C VAL A 663 -3.72 -32.43 -16.47
N ALA A 664 -3.82 -33.23 -17.53
CA ALA A 664 -4.45 -34.54 -17.48
C ALA A 664 -3.76 -35.46 -16.48
N ARG A 665 -2.43 -35.47 -16.49
CA ARG A 665 -1.67 -36.30 -15.57
C ARG A 665 -1.28 -35.58 -14.28
N SER A 666 -2.20 -34.77 -13.76
CA SER A 666 -1.96 -34.03 -12.51
C SER A 666 -3.20 -33.86 -11.63
N ASN A 667 -2.98 -33.60 -10.34
CA ASN A 667 -4.06 -33.37 -9.39
C ASN A 667 -4.45 -31.88 -9.27
N ILE A 668 -4.07 -31.08 -10.26
CA ILE A 668 -4.26 -29.62 -10.26
C ILE A 668 -5.71 -29.15 -9.95
N LEU A 669 -6.69 -29.82 -10.54
CA LEU A 669 -8.09 -29.45 -10.30
C LEU A 669 -8.51 -29.70 -8.86
N THR A 670 -8.25 -30.90 -8.35
CA THR A 670 -8.52 -31.19 -6.95
C THR A 670 -7.87 -30.17 -6.01
N LEU A 671 -6.66 -29.75 -6.35
CA LEU A 671 -5.91 -28.77 -5.55
C LEU A 671 -6.55 -27.40 -5.66
N MET A 672 -6.88 -27.03 -6.90
CA MET A 672 -7.47 -25.73 -7.19
C MET A 672 -8.76 -25.54 -6.41
N TYR A 673 -9.57 -26.60 -6.40
CA TYR A 673 -10.82 -26.63 -5.66
C TYR A 673 -10.62 -26.34 -4.17
N GLN A 674 -9.50 -26.78 -3.60
CA GLN A 674 -9.18 -26.45 -2.21
C GLN A 674 -8.74 -25.00 -2.05
N CYS A 675 -7.99 -24.52 -3.03
CA CYS A 675 -7.47 -23.17 -3.04
C CYS A 675 -8.58 -22.13 -3.10
N MET A 676 -9.61 -22.43 -3.90
CA MET A 676 -10.79 -21.59 -4.06
C MET A 676 -11.62 -21.44 -2.78
N GLN A 677 -11.26 -22.21 -1.76
CA GLN A 677 -11.99 -22.20 -0.50
C GLN A 677 -11.13 -21.64 0.63
N ASP A 678 -9.87 -21.31 0.33
CA ASP A 678 -8.95 -20.80 1.34
C ASP A 678 -9.50 -19.57 2.05
N LYS A 679 -9.14 -19.40 3.32
CA LYS A 679 -9.60 -18.24 4.08
C LYS A 679 -8.90 -16.96 3.61
N MET A 680 -7.78 -17.12 2.92
CA MET A 680 -6.99 -15.99 2.40
C MET A 680 -7.47 -15.57 1.00
N PRO A 681 -7.96 -14.32 0.87
CA PRO A 681 -8.55 -13.83 -0.39
C PRO A 681 -7.59 -13.87 -1.57
N GLU A 682 -6.32 -13.54 -1.33
CA GLU A 682 -5.29 -13.53 -2.37
C GLU A 682 -5.14 -14.90 -3.03
N VAL A 683 -5.46 -15.93 -2.28
CA VAL A 683 -5.32 -17.32 -2.71
C VAL A 683 -6.54 -17.73 -3.53
N ARG A 684 -7.73 -17.28 -3.09
CA ARG A 684 -8.94 -17.44 -3.86
C ARG A 684 -8.76 -16.70 -5.19
N GLN A 685 -8.20 -15.50 -5.09
CA GLN A 685 -7.96 -14.65 -6.27
C GLN A 685 -7.14 -15.36 -7.34
N SER A 686 -6.02 -15.97 -6.95
CA SER A 686 -5.17 -16.61 -7.93
C SER A 686 -5.79 -17.87 -8.51
N SER A 687 -6.53 -18.61 -7.68
CA SER A 687 -7.16 -19.85 -8.12
C SER A 687 -8.25 -19.62 -9.17
N PHE A 688 -8.98 -18.50 -9.05
CA PHE A 688 -10.02 -18.18 -10.04
C PHE A 688 -9.42 -17.78 -11.37
N ALA A 689 -8.30 -17.06 -11.34
CA ALA A 689 -7.59 -16.68 -12.56
C ALA A 689 -7.13 -17.94 -13.29
N LEU A 690 -6.48 -18.86 -12.56
CA LEU A 690 -6.06 -20.14 -13.15
C LEU A 690 -7.26 -20.89 -13.77
N LEU A 691 -8.40 -20.90 -13.08
CA LEU A 691 -9.60 -21.59 -13.56
C LEU A 691 -10.08 -20.99 -14.88
N GLY A 692 -10.14 -19.66 -14.94
CA GLY A 692 -10.47 -18.98 -16.17
C GLY A 692 -9.53 -19.44 -17.28
N ASP A 693 -8.24 -19.51 -16.94
CA ASP A 693 -7.25 -19.92 -17.94
C ASP A 693 -7.43 -21.35 -18.45
N LEU A 694 -7.64 -22.31 -17.55
CA LEU A 694 -7.75 -23.71 -17.93
C LEU A 694 -9.04 -23.95 -18.71
N THR A 695 -10.08 -23.23 -18.30
CA THR A 695 -11.33 -23.20 -19.02
C THR A 695 -11.10 -22.81 -20.48
N LYS A 696 -10.17 -21.88 -20.71
CA LYS A 696 -9.81 -21.50 -22.07
C LYS A 696 -8.90 -22.52 -22.71
N ALA A 697 -7.89 -22.97 -21.97
CA ALA A 697 -6.87 -23.86 -22.49
C ALA A 697 -7.38 -25.28 -22.77
N CYS A 698 -8.00 -25.92 -21.78
CA CYS A 698 -8.43 -27.32 -21.88
C CYS A 698 -9.72 -27.57 -21.09
N PHE A 699 -10.85 -27.13 -21.66
CA PHE A 699 -12.12 -27.23 -20.97
C PHE A 699 -12.55 -28.67 -20.68
N GLN A 700 -12.17 -29.60 -21.56
CA GLN A 700 -12.48 -31.03 -21.37
C GLN A 700 -12.05 -31.55 -19.99
N HIS A 701 -10.99 -31.00 -19.41
CA HIS A 701 -10.57 -31.44 -18.09
C HIS A 701 -11.24 -30.65 -16.98
N VAL A 702 -11.85 -29.51 -17.34
CA VAL A 702 -12.54 -28.69 -16.33
C VAL A 702 -14.01 -29.08 -16.24
N LYS A 703 -14.62 -29.37 -17.38
CA LYS A 703 -16.05 -29.63 -17.46
C LYS A 703 -16.60 -30.55 -16.35
N PRO A 704 -15.96 -31.72 -16.10
CA PRO A 704 -16.44 -32.57 -15.00
C PRO A 704 -16.62 -31.83 -13.66
N CYS A 705 -15.84 -30.77 -13.44
CA CYS A 705 -15.87 -30.07 -12.15
C CYS A 705 -16.85 -28.90 -12.07
N ILE A 706 -17.41 -28.47 -13.19
CA ILE A 706 -18.24 -27.25 -13.19
C ILE A 706 -19.33 -27.25 -12.11
N ALA A 707 -20.11 -28.31 -12.01
CA ALA A 707 -21.16 -28.38 -10.98
C ALA A 707 -20.62 -28.15 -9.56
N ASP A 708 -19.36 -28.52 -9.34
CA ASP A 708 -18.71 -28.28 -8.04
C ASP A 708 -18.17 -26.87 -7.89
N PHE A 709 -17.68 -26.32 -8.99
CA PHE A 709 -17.00 -25.05 -8.98
C PHE A 709 -17.94 -23.88 -8.84
N MET A 710 -19.12 -23.98 -9.49
CA MET A 710 -20.10 -22.91 -9.62
C MET A 710 -20.74 -22.43 -8.30
N PRO A 711 -21.07 -23.35 -7.38
CA PRO A 711 -21.40 -22.93 -6.01
C PRO A 711 -20.33 -22.00 -5.37
N ILE A 712 -19.05 -22.33 -5.55
CA ILE A 712 -17.96 -21.55 -4.96
C ILE A 712 -17.83 -20.19 -5.65
N LEU A 713 -17.81 -20.19 -6.99
CA LEU A 713 -17.72 -18.93 -7.74
C LEU A 713 -18.89 -18.01 -7.37
N GLY A 714 -20.08 -18.59 -7.28
CA GLY A 714 -21.28 -17.85 -6.96
C GLY A 714 -21.31 -17.19 -5.60
N THR A 715 -20.59 -17.75 -4.65
CA THR A 715 -20.54 -17.19 -3.30
C THR A 715 -19.34 -16.26 -3.12
N ASN A 716 -18.62 -15.99 -4.20
CA ASN A 716 -17.45 -15.12 -4.12
C ASN A 716 -17.63 -13.83 -4.89
N LEU A 717 -18.88 -13.44 -5.10
CA LEU A 717 -19.17 -12.19 -5.78
C LEU A 717 -19.34 -11.04 -4.78
N ASN A 718 -18.61 -11.09 -3.67
CA ASN A 718 -18.58 -9.99 -2.72
C ASN A 718 -17.61 -8.88 -3.23
N PRO A 719 -18.17 -7.69 -3.56
CA PRO A 719 -17.35 -6.60 -4.11
C PRO A 719 -16.43 -5.91 -3.08
N GLU A 720 -16.64 -6.21 -1.81
CA GLU A 720 -15.72 -5.78 -0.75
C GLU A 720 -14.32 -6.37 -0.99
N PHE A 721 -14.28 -7.56 -1.59
CA PHE A 721 -13.02 -8.18 -2.00
C PHE A 721 -12.85 -7.98 -3.51
N ILE A 722 -12.48 -6.75 -3.90
CA ILE A 722 -12.40 -6.33 -5.30
C ILE A 722 -11.85 -7.41 -6.22
N SER A 723 -10.62 -7.85 -5.95
CA SER A 723 -9.89 -8.74 -6.86
C SER A 723 -10.45 -10.16 -6.93
N VAL A 724 -10.88 -10.68 -5.78
CA VAL A 724 -11.52 -11.99 -5.74
C VAL A 724 -12.77 -11.95 -6.61
N CYS A 725 -13.57 -10.90 -6.41
CA CYS A 725 -14.80 -10.70 -7.14
C CYS A 725 -14.50 -10.59 -8.64
N ASN A 726 -13.52 -9.78 -8.97
CA ASN A 726 -13.07 -9.63 -10.33
C ASN A 726 -12.75 -10.97 -11.03
N ASN A 727 -11.84 -11.74 -10.45
CA ASN A 727 -11.42 -13.02 -11.05
C ASN A 727 -12.49 -14.09 -11.05
N ALA A 728 -13.39 -14.04 -10.08
CA ALA A 728 -14.55 -14.93 -10.07
C ALA A 728 -15.47 -14.61 -11.27
N THR A 729 -15.69 -13.32 -11.49
CA THR A 729 -16.58 -12.85 -12.52
C THR A 729 -16.03 -13.21 -13.90
N TRP A 730 -14.72 -13.00 -14.06
CA TRP A 730 -14.03 -13.33 -15.32
C TRP A 730 -14.15 -14.82 -15.57
N ALA A 731 -13.93 -15.60 -14.53
CA ALA A 731 -14.02 -17.04 -14.64
C ALA A 731 -15.43 -17.48 -15.05
N ILE A 732 -16.46 -17.00 -14.36
CA ILE A 732 -17.86 -17.33 -14.70
C ILE A 732 -18.14 -17.04 -16.18
N GLY A 733 -17.54 -15.97 -16.70
CA GLY A 733 -17.69 -15.59 -18.08
C GLY A 733 -17.11 -16.61 -19.02
N GLU A 734 -15.85 -16.96 -18.82
CA GLU A 734 -15.14 -17.87 -19.71
C GLU A 734 -15.82 -19.23 -19.69
N ILE A 735 -16.15 -19.69 -18.47
CA ILE A 735 -16.90 -20.94 -18.29
C ILE A 735 -18.15 -20.91 -19.16
N SER A 736 -18.91 -19.82 -19.09
CA SER A 736 -20.20 -19.76 -19.78
C SER A 736 -20.07 -19.94 -21.30
N ILE A 737 -19.02 -19.38 -21.87
CA ILE A 737 -18.69 -19.57 -23.29
C ILE A 737 -18.49 -21.05 -23.62
N GLN A 738 -17.85 -21.78 -22.73
CA GLN A 738 -17.57 -23.20 -22.93
C GLN A 738 -18.77 -24.12 -22.69
N MET A 739 -19.57 -23.78 -21.68
CA MET A 739 -20.76 -24.56 -21.36
C MET A 739 -21.87 -24.41 -22.41
N GLY A 740 -21.95 -23.24 -23.03
CA GLY A 740 -23.03 -22.92 -23.97
C GLY A 740 -24.37 -22.92 -23.26
N ILE A 741 -25.39 -23.46 -23.92
CA ILE A 741 -26.75 -23.56 -23.35
C ILE A 741 -26.80 -24.28 -21.99
N GLU A 742 -25.73 -25.00 -21.66
CA GLU A 742 -25.69 -25.76 -20.43
C GLU A 742 -25.55 -24.88 -19.18
N MET A 743 -25.19 -23.59 -19.34
CA MET A 743 -25.09 -22.66 -18.21
C MET A 743 -26.43 -22.35 -17.53
N GLN A 744 -27.52 -22.62 -18.25
CA GLN A 744 -28.88 -22.31 -17.82
C GLN A 744 -29.20 -22.47 -16.31
N PRO A 745 -28.71 -23.55 -15.65
CA PRO A 745 -29.00 -23.69 -14.22
C PRO A 745 -28.38 -22.61 -13.34
N TYR A 746 -27.28 -22.01 -13.79
CA TYR A 746 -26.50 -21.14 -12.92
C TYR A 746 -26.86 -19.67 -13.06
N ILE A 747 -27.54 -19.34 -14.15
CA ILE A 747 -28.02 -17.99 -14.39
C ILE A 747 -28.72 -17.39 -13.16
N PRO A 748 -29.78 -18.05 -12.64
CA PRO A 748 -30.44 -17.43 -11.48
C PRO A 748 -29.53 -17.31 -10.26
N MET A 749 -28.46 -18.11 -10.21
CA MET A 749 -27.56 -18.13 -9.08
C MET A 749 -26.54 -16.98 -9.06
N VAL A 750 -26.25 -16.42 -10.23
CA VAL A 750 -25.24 -15.35 -10.36
C VAL A 750 -25.75 -14.03 -10.91
N LEU A 751 -26.64 -14.11 -11.90
CA LEU A 751 -27.06 -12.92 -12.66
C LEU A 751 -27.43 -11.70 -11.84
N HIS A 752 -28.27 -11.88 -10.83
CA HIS A 752 -28.72 -10.76 -10.01
C HIS A 752 -27.61 -10.17 -9.13
N GLN A 753 -26.58 -10.98 -8.85
CA GLN A 753 -25.43 -10.50 -8.09
C GLN A 753 -24.64 -9.59 -9.00
N LEU A 754 -24.46 -10.04 -10.24
CA LEU A 754 -23.75 -9.27 -11.26
C LEU A 754 -24.48 -7.96 -11.55
N VAL A 755 -25.80 -8.04 -11.67
CA VAL A 755 -26.62 -6.87 -11.97
C VAL A 755 -26.59 -5.84 -10.83
N GLU A 756 -26.56 -6.31 -9.58
CA GLU A 756 -26.42 -5.42 -8.44
C GLU A 756 -25.03 -4.74 -8.48
N ILE A 757 -24.00 -5.55 -8.64
CA ILE A 757 -22.63 -5.06 -8.70
C ILE A 757 -22.46 -4.00 -9.78
N ILE A 758 -22.97 -4.24 -10.99
CA ILE A 758 -22.78 -3.29 -12.09
C ILE A 758 -23.48 -1.92 -11.87
N ASN A 759 -24.50 -1.89 -11.01
CA ASN A 759 -25.21 -0.66 -10.69
C ASN A 759 -24.76 -0.07 -9.36
N ARG A 760 -23.74 -0.68 -8.76
CA ARG A 760 -23.28 -0.29 -7.43
C ARG A 760 -22.27 0.85 -7.55
N PRO A 761 -22.52 1.96 -6.84
CA PRO A 761 -21.63 3.12 -6.93
C PRO A 761 -20.29 2.84 -6.25
N ASN A 762 -19.28 3.66 -6.59
CA ASN A 762 -17.92 3.49 -6.06
C ASN A 762 -17.38 2.09 -6.24
N THR A 763 -17.52 1.58 -7.45
CA THR A 763 -17.01 0.27 -7.82
C THR A 763 -15.95 0.46 -8.89
N PRO A 764 -14.71 0.00 -8.63
CA PRO A 764 -13.59 0.10 -9.57
C PRO A 764 -13.96 -0.21 -11.03
N LYS A 765 -13.31 0.46 -11.98
CA LYS A 765 -13.69 0.37 -13.39
C LYS A 765 -13.44 -1.00 -14.05
N THR A 766 -12.38 -1.70 -13.67
CA THR A 766 -12.11 -3.02 -14.27
C THR A 766 -13.08 -4.08 -13.74
N LEU A 767 -13.48 -3.97 -12.47
CA LEU A 767 -14.47 -4.87 -11.92
C LEU A 767 -15.79 -4.67 -12.65
N LEU A 768 -16.17 -3.41 -12.82
CA LEU A 768 -17.29 -3.04 -13.67
C LEU A 768 -17.11 -3.62 -15.08
N GLU A 769 -15.90 -3.56 -15.61
CA GLU A 769 -15.61 -4.10 -16.94
C GLU A 769 -15.86 -5.61 -17.06
N ASN A 770 -15.31 -6.42 -16.17
CA ASN A 770 -15.52 -7.87 -16.25
C ASN A 770 -16.97 -8.25 -15.91
N THR A 771 -17.61 -7.46 -15.04
CA THR A 771 -19.03 -7.66 -14.76
C THR A 771 -19.81 -7.50 -16.04
N ALA A 772 -19.49 -6.44 -16.77
CA ALA A 772 -20.15 -6.17 -18.03
C ALA A 772 -19.91 -7.32 -19.02
N ILE A 773 -18.65 -7.76 -19.09
CA ILE A 773 -18.25 -8.82 -20.02
C ILE A 773 -19.01 -10.12 -19.74
N THR A 774 -19.03 -10.52 -18.47
CA THR A 774 -19.67 -11.76 -18.06
C THR A 774 -21.19 -11.74 -18.23
N ILE A 775 -21.83 -10.64 -17.89
CA ILE A 775 -23.26 -10.50 -18.19
C ILE A 775 -23.46 -10.73 -19.69
N GLY A 776 -22.64 -10.08 -20.51
CA GLY A 776 -22.68 -10.23 -21.96
C GLY A 776 -22.55 -11.68 -22.39
N ARG A 777 -21.55 -12.37 -21.81
CA ARG A 777 -21.24 -13.76 -22.16
C ARG A 777 -22.30 -14.73 -21.68
N LEU A 778 -22.89 -14.47 -20.52
CA LEU A 778 -24.02 -15.25 -20.03
C LEU A 778 -25.21 -15.05 -20.95
N GLY A 779 -25.36 -13.82 -21.46
CA GLY A 779 -26.44 -13.50 -22.38
C GLY A 779 -26.23 -14.13 -23.75
N TYR A 780 -24.98 -14.40 -24.10
CA TYR A 780 -24.71 -14.95 -25.42
C TYR A 780 -25.20 -16.39 -25.50
N VAL A 781 -24.98 -17.14 -24.40
CA VAL A 781 -25.35 -18.54 -24.34
C VAL A 781 -26.75 -18.79 -23.77
N CYS A 782 -27.20 -17.94 -22.85
CA CYS A 782 -28.59 -18.07 -22.35
C CYS A 782 -29.42 -16.81 -22.54
N PRO A 783 -29.70 -16.44 -23.80
CA PRO A 783 -30.48 -15.23 -24.07
C PRO A 783 -31.87 -15.22 -23.43
N GLN A 784 -32.57 -16.36 -23.45
CA GLN A 784 -33.90 -16.45 -22.83
C GLN A 784 -33.86 -16.15 -21.34
N GLU A 785 -32.79 -16.60 -20.68
CA GLU A 785 -32.65 -16.43 -19.23
C GLU A 785 -32.20 -15.03 -18.82
N VAL A 786 -31.38 -14.40 -19.64
CA VAL A 786 -30.75 -13.12 -19.28
C VAL A 786 -31.43 -11.89 -19.92
N ALA A 787 -32.08 -12.08 -21.07
CA ALA A 787 -32.73 -10.97 -21.79
C ALA A 787 -33.70 -10.10 -20.97
N PRO A 788 -34.52 -10.69 -20.08
CA PRO A 788 -35.43 -9.86 -19.28
C PRO A 788 -34.80 -8.83 -18.33
N MET A 789 -33.50 -8.96 -18.02
CA MET A 789 -32.82 -7.96 -17.19
C MET A 789 -32.21 -6.83 -18.01
N LEU A 790 -32.27 -6.95 -19.33
CA LEU A 790 -31.74 -5.96 -20.24
C LEU A 790 -31.86 -4.52 -19.71
N GLN A 791 -33.08 -4.13 -19.33
CA GLN A 791 -33.38 -2.82 -18.77
C GLN A 791 -32.46 -2.47 -17.61
N GLN A 792 -32.22 -3.43 -16.74
CA GLN A 792 -31.56 -3.18 -15.47
C GLN A 792 -30.05 -3.04 -15.55
N PHE A 793 -29.44 -3.49 -16.65
CA PHE A 793 -27.99 -3.39 -16.78
C PHE A 793 -27.47 -2.59 -17.97
N ILE A 794 -28.29 -2.41 -19.01
CA ILE A 794 -27.83 -1.74 -20.24
C ILE A 794 -27.06 -0.43 -20.03
N ARG A 795 -27.53 0.43 -19.12
CA ARG A 795 -26.88 1.72 -18.89
C ARG A 795 -25.40 1.62 -18.45
N PRO A 796 -25.11 1.07 -17.25
CA PRO A 796 -23.71 0.98 -16.84
C PRO A 796 -22.89 0.02 -17.70
N TRP A 797 -23.55 -1.00 -18.26
CA TRP A 797 -22.92 -1.92 -19.22
C TRP A 797 -22.30 -1.13 -20.37
N CYS A 798 -23.11 -0.31 -21.03
CA CYS A 798 -22.64 0.52 -22.12
C CYS A 798 -21.59 1.53 -21.69
N THR A 799 -21.83 2.20 -20.56
CA THR A 799 -20.91 3.21 -20.01
C THR A 799 -19.54 2.60 -19.68
N SER A 800 -19.57 1.35 -19.23
CA SER A 800 -18.35 0.65 -18.87
C SER A 800 -17.61 0.16 -20.12
N LEU A 801 -18.33 -0.50 -21.02
CA LEU A 801 -17.69 -1.18 -22.15
C LEU A 801 -17.36 -0.28 -23.32
N ARG A 802 -17.94 0.93 -23.34
CA ARG A 802 -17.59 1.93 -24.34
C ARG A 802 -16.17 2.48 -24.17
N ASN A 803 -15.55 2.18 -23.03
CA ASN A 803 -14.25 2.75 -22.69
C ASN A 803 -13.08 1.75 -22.70
N ILE A 804 -13.30 0.59 -23.31
CA ILE A 804 -12.25 -0.42 -23.47
C ILE A 804 -11.89 -0.68 -24.94
N ARG A 805 -10.65 -1.10 -25.17
CA ARG A 805 -10.13 -1.36 -26.51
C ARG A 805 -10.94 -2.48 -27.16
N ASP A 806 -11.04 -2.44 -28.49
CA ASP A 806 -11.57 -3.57 -29.25
C ASP A 806 -10.67 -4.77 -28.95
N ASN A 807 -11.28 -5.86 -28.48
CA ASN A 807 -10.58 -7.12 -28.27
C ASN A 807 -11.56 -8.29 -28.28
N GLU A 808 -11.05 -9.49 -28.01
CA GLU A 808 -11.85 -10.71 -28.08
C GLU A 808 -12.98 -10.72 -27.06
N GLU A 809 -12.70 -10.20 -25.86
CA GLU A 809 -13.69 -10.13 -24.79
C GLU A 809 -14.75 -9.10 -25.11
N LYS A 810 -14.34 -7.95 -25.63
CA LYS A 810 -15.28 -6.96 -26.09
C LYS A 810 -16.15 -7.55 -27.22
N ASP A 811 -15.53 -8.30 -28.14
CA ASP A 811 -16.27 -9.00 -29.18
C ASP A 811 -17.28 -9.96 -28.54
N SER A 812 -16.80 -10.74 -27.58
CA SER A 812 -17.63 -11.73 -26.90
C SER A 812 -18.89 -11.10 -26.30
N ALA A 813 -18.69 -9.99 -25.58
CA ALA A 813 -19.75 -9.31 -24.86
C ALA A 813 -20.79 -8.71 -25.79
N PHE A 814 -20.35 -8.19 -26.93
CA PHE A 814 -21.27 -7.52 -27.84
C PHE A 814 -22.11 -8.50 -28.63
N ARG A 815 -21.60 -9.72 -28.84
CA ARG A 815 -22.40 -10.76 -29.46
C ARG A 815 -23.59 -11.06 -28.54
N GLY A 816 -23.31 -11.10 -27.24
CA GLY A 816 -24.33 -11.29 -26.21
C GLY A 816 -25.39 -10.21 -26.16
N ILE A 817 -24.98 -8.94 -26.07
CA ILE A 817 -25.93 -7.83 -26.01
C ILE A 817 -26.81 -7.81 -27.26
N CYS A 818 -26.23 -8.17 -28.40
CA CYS A 818 -26.97 -8.26 -29.64
C CYS A 818 -28.02 -9.37 -29.61
N THR A 819 -27.61 -10.54 -29.10
CA THR A 819 -28.50 -11.70 -29.02
C THR A 819 -29.70 -11.36 -28.15
N MET A 820 -29.41 -10.81 -26.96
CA MET A 820 -30.46 -10.39 -26.03
C MET A 820 -31.38 -9.31 -26.60
N ILE A 821 -30.86 -8.53 -27.54
CA ILE A 821 -31.64 -7.47 -28.14
C ILE A 821 -32.68 -8.03 -29.11
N SER A 822 -32.26 -8.95 -29.97
CA SER A 822 -33.19 -9.55 -30.92
C SER A 822 -34.26 -10.36 -30.20
N VAL A 823 -33.94 -10.81 -28.99
CA VAL A 823 -34.90 -11.53 -28.14
C VAL A 823 -35.82 -10.56 -27.40
N ASN A 824 -35.25 -9.56 -26.72
CA ASN A 824 -36.07 -8.61 -25.93
C ASN A 824 -35.85 -7.14 -26.29
N PRO A 825 -36.31 -6.71 -27.48
CA PRO A 825 -36.01 -5.35 -27.97
C PRO A 825 -36.46 -4.24 -27.02
N SER A 826 -37.47 -4.52 -26.20
CA SER A 826 -38.03 -3.55 -25.26
C SER A 826 -37.10 -3.25 -24.08
N GLY A 827 -36.10 -4.11 -23.88
CA GLY A 827 -35.06 -3.86 -22.89
C GLY A 827 -34.20 -2.64 -23.18
N VAL A 828 -34.04 -2.30 -24.46
CA VAL A 828 -33.14 -1.21 -24.84
C VAL A 828 -33.85 0.06 -25.29
N ILE A 829 -35.11 -0.08 -25.71
CA ILE A 829 -35.88 1.03 -26.25
C ILE A 829 -35.72 2.35 -25.48
N GLN A 830 -35.87 2.29 -24.15
CA GLN A 830 -35.76 3.47 -23.29
C GLN A 830 -34.34 4.04 -23.18
N ASP A 831 -33.33 3.24 -23.50
CA ASP A 831 -31.94 3.67 -23.35
C ASP A 831 -31.10 3.39 -24.60
N PHE A 832 -31.76 3.43 -25.76
CA PHE A 832 -31.11 3.11 -27.03
C PHE A 832 -29.87 3.98 -27.36
N ILE A 833 -29.84 5.19 -26.80
CA ILE A 833 -28.73 6.12 -27.00
C ILE A 833 -27.40 5.57 -26.44
N PHE A 834 -27.50 4.85 -25.32
CA PHE A 834 -26.34 4.24 -24.69
C PHE A 834 -25.75 3.13 -25.59
N PHE A 835 -26.64 2.37 -26.23
CA PHE A 835 -26.26 1.32 -27.17
C PHE A 835 -25.57 1.88 -28.41
N CYS A 836 -26.15 2.94 -28.98
CA CYS A 836 -25.56 3.60 -30.15
C CYS A 836 -24.15 4.10 -29.87
N ASP A 837 -23.97 4.69 -28.69
CA ASP A 837 -22.67 5.20 -28.26
C ASP A 837 -21.69 4.06 -28.00
N ALA A 838 -22.19 2.94 -27.51
CA ALA A 838 -21.33 1.77 -27.30
C ALA A 838 -20.97 1.08 -28.61
N VAL A 839 -21.94 0.95 -29.52
CA VAL A 839 -21.67 0.43 -30.87
C VAL A 839 -20.60 1.28 -31.55
N ALA A 840 -20.75 2.60 -31.48
CA ALA A 840 -19.82 3.53 -32.12
C ALA A 840 -18.41 3.46 -31.54
N SER A 841 -18.28 3.05 -30.28
CA SER A 841 -16.97 2.96 -29.64
C SER A 841 -16.07 1.91 -30.31
N TRP A 842 -16.66 1.11 -31.20
CA TRP A 842 -15.90 0.12 -31.98
C TRP A 842 -15.23 0.77 -33.18
N ILE A 843 -13.94 0.48 -33.35
CA ILE A 843 -13.19 0.93 -34.51
C ILE A 843 -13.33 -0.11 -35.62
N ASN A 844 -12.78 -1.31 -35.39
CA ASN A 844 -12.75 -2.38 -36.39
C ASN A 844 -13.48 -3.64 -35.91
N PRO A 845 -14.83 -3.65 -36.02
CA PRO A 845 -15.56 -4.87 -35.68
C PRO A 845 -15.46 -5.90 -36.79
N LYS A 846 -15.51 -7.18 -36.40
CA LYS A 846 -15.63 -8.27 -37.36
C LYS A 846 -16.86 -8.02 -38.24
N ASP A 847 -16.90 -8.66 -39.41
CA ASP A 847 -17.97 -8.43 -40.36
C ASP A 847 -19.34 -8.83 -39.85
N ASP A 848 -19.42 -10.03 -39.28
CA ASP A 848 -20.68 -10.54 -38.76
C ASP A 848 -21.19 -9.67 -37.60
N LEU A 849 -20.27 -9.25 -36.72
CA LEU A 849 -20.60 -8.37 -35.61
C LEU A 849 -21.03 -7.00 -36.10
N ARG A 850 -20.29 -6.49 -37.09
CA ARG A 850 -20.63 -5.23 -37.74
C ARG A 850 -22.03 -5.33 -38.37
N ASP A 851 -22.35 -6.47 -38.97
CA ASP A 851 -23.67 -6.67 -39.58
C ASP A 851 -24.75 -6.79 -38.51
N MET A 852 -24.45 -7.47 -37.42
CA MET A 852 -25.37 -7.58 -36.29
C MET A 852 -25.73 -6.19 -35.75
N PHE A 853 -24.71 -5.35 -35.55
CA PHE A 853 -24.93 -3.96 -35.17
C PHE A 853 -25.86 -3.26 -36.16
N CYS A 854 -25.70 -3.59 -37.44
CA CYS A 854 -26.39 -2.89 -38.51
C CYS A 854 -27.87 -3.27 -38.62
N LYS A 855 -28.17 -4.56 -38.50
CA LYS A 855 -29.55 -5.06 -38.52
C LYS A 855 -30.40 -4.45 -37.40
N ILE A 856 -29.78 -4.32 -36.22
CA ILE A 856 -30.43 -3.78 -35.02
C ILE A 856 -30.70 -2.28 -35.12
N LEU A 857 -29.70 -1.52 -35.61
CA LEU A 857 -29.85 -0.08 -35.78
C LEU A 857 -30.92 0.25 -36.82
N HIS A 858 -30.86 -0.43 -37.96
CA HIS A 858 -31.89 -0.29 -38.99
C HIS A 858 -33.24 -0.83 -38.54
N GLY A 859 -33.20 -1.85 -37.68
CA GLY A 859 -34.40 -2.40 -37.05
C GLY A 859 -35.24 -1.33 -36.38
N PHE A 860 -34.60 -0.60 -35.46
CA PHE A 860 -35.27 0.46 -34.69
C PHE A 860 -35.61 1.68 -35.53
N LYS A 861 -34.73 2.05 -36.46
CA LYS A 861 -35.01 3.15 -37.37
C LYS A 861 -36.25 2.85 -38.20
N ASN A 862 -36.31 1.66 -38.78
CA ASN A 862 -37.42 1.24 -39.64
C ASN A 862 -38.66 0.84 -38.84
N GLN A 863 -38.50 0.70 -37.52
CA GLN A 863 -39.60 0.40 -36.61
C GLN A 863 -40.25 1.69 -36.07
N VAL A 864 -39.42 2.57 -35.51
CA VAL A 864 -39.91 3.83 -34.95
C VAL A 864 -40.34 4.82 -36.02
N GLY A 865 -39.57 4.90 -37.12
CA GLY A 865 -39.94 5.76 -38.26
C GLY A 865 -38.82 6.62 -38.83
N ASP A 866 -39.10 7.29 -39.94
CA ASP A 866 -38.13 8.15 -40.60
C ASP A 866 -37.73 9.38 -39.77
N GLU A 867 -38.70 10.26 -39.50
CA GLU A 867 -38.44 11.51 -38.77
C GLU A 867 -38.18 11.27 -37.30
N ASN A 868 -38.78 10.20 -36.76
CA ASN A 868 -38.60 9.77 -35.38
C ASN A 868 -37.13 9.57 -35.05
N TRP A 869 -36.39 9.09 -36.04
CA TRP A 869 -34.96 8.88 -35.92
C TRP A 869 -34.19 10.18 -35.78
N ARG A 870 -34.62 11.20 -36.52
CA ARG A 870 -33.98 12.52 -36.52
C ARG A 870 -34.05 13.16 -35.13
N ARG A 871 -35.26 13.16 -34.56
CA ARG A 871 -35.51 13.73 -33.23
C ARG A 871 -34.66 13.04 -32.18
N PHE A 872 -34.49 11.72 -32.34
CA PHE A 872 -33.65 10.93 -31.45
C PHE A 872 -32.16 11.12 -31.71
N SER A 873 -31.81 11.38 -32.99
CA SER A 873 -30.41 11.52 -33.38
C SER A 873 -29.87 12.91 -33.07
N ASP A 874 -30.80 13.83 -32.77
CA ASP A 874 -30.43 15.20 -32.42
C ASP A 874 -29.66 15.27 -31.10
N GLN A 875 -29.81 14.23 -30.28
CA GLN A 875 -29.01 14.10 -29.06
C GLN A 875 -27.54 13.79 -29.37
N PHE A 876 -27.29 13.00 -30.41
CA PHE A 876 -25.93 12.53 -30.70
C PHE A 876 -24.95 13.70 -30.80
N PRO A 877 -23.79 13.59 -30.12
CA PRO A 877 -22.70 14.51 -30.41
C PRO A 877 -22.24 14.28 -31.85
N LEU A 878 -21.62 15.30 -32.43
CA LEU A 878 -21.21 15.26 -33.84
C LEU A 878 -20.51 13.93 -34.25
N PRO A 879 -19.46 13.51 -33.49
CA PRO A 879 -18.71 12.34 -33.94
C PRO A 879 -19.52 11.04 -33.89
N LEU A 880 -20.59 11.04 -33.10
CA LEU A 880 -21.48 9.90 -32.98
C LEU A 880 -22.49 9.87 -34.16
N LYS A 881 -23.22 10.96 -34.33
CA LYS A 881 -24.18 11.11 -35.44
C LYS A 881 -23.53 10.73 -36.80
N GLU A 882 -22.22 10.97 -36.87
CA GLU A 882 -21.45 10.83 -38.11
C GLU A 882 -20.79 9.46 -38.28
N ARG A 883 -20.61 8.75 -37.15
CA ARG A 883 -20.15 7.35 -37.17
C ARG A 883 -21.20 6.45 -37.78
N LEU A 884 -22.39 6.45 -37.16
CA LEU A 884 -23.48 5.55 -37.53
C LEU A 884 -23.94 5.73 -38.96
N ALA A 885 -23.74 6.94 -39.49
CA ALA A 885 -24.12 7.28 -40.85
C ALA A 885 -23.07 6.82 -41.86
N ALA A 886 -21.79 6.86 -41.44
CA ALA A 886 -20.70 6.42 -42.32
C ALA A 886 -20.46 4.91 -42.25
N PHE A 887 -20.63 4.33 -41.06
CA PHE A 887 -20.32 2.92 -40.86
C PHE A 887 -21.54 2.02 -41.10
N TYR A 888 -22.73 2.49 -40.72
CA TYR A 888 -23.93 1.64 -40.76
C TYR A 888 -25.06 2.17 -41.62
N GLY A 889 -24.93 3.38 -42.14
CA GLY A 889 -26.00 4.01 -42.92
C GLY A 889 -27.09 4.52 -42.02
N VAL A 890 -26.68 5.20 -40.95
CA VAL A 890 -27.54 5.76 -39.89
C VAL A 890 -28.28 4.65 -39.13
N PRO B 16 0.43 -2.63 -4.39
CA PRO B 16 1.68 -3.23 -4.84
C PRO B 16 2.79 -2.20 -5.03
N ARG B 17 3.84 -2.29 -4.21
CA ARG B 17 5.01 -1.41 -4.32
C ARG B 17 6.29 -2.22 -4.50
N VAL B 18 7.14 -1.77 -5.42
CA VAL B 18 8.46 -2.37 -5.67
C VAL B 18 9.35 -1.36 -6.39
N ARG B 19 8.73 -0.54 -7.25
CA ARG B 19 9.43 0.51 -8.01
C ARG B 19 9.82 1.70 -7.13
N TYR B 20 10.84 2.43 -7.58
CA TYR B 20 11.38 3.57 -6.86
C TYR B 20 10.40 4.72 -6.80
N ASN B 21 10.36 5.37 -5.62
CA ASN B 21 9.69 6.64 -5.39
C ASN B 21 10.49 7.43 -4.33
N PRO B 22 10.76 8.72 -4.61
CA PRO B 22 11.46 9.60 -3.67
C PRO B 22 10.62 9.98 -2.44
N TYR B 23 9.32 9.77 -2.52
CA TYR B 23 8.38 9.98 -1.42
C TYR B 23 7.17 9.08 -1.67
N THR B 24 6.38 8.80 -0.63
CA THR B 24 5.05 8.17 -0.80
C THR B 24 3.94 9.06 -0.25
N THR B 25 2.83 9.10 -1.00
CA THR B 25 1.63 9.87 -0.61
C THR B 25 0.93 9.29 0.62
N ARG B 26 0.95 7.98 0.76
CA ARG B 26 0.42 7.32 1.96
C ARG B 26 1.52 6.64 2.80
N PRO B 27 1.97 7.30 3.88
CA PRO B 27 3.06 6.81 4.73
C PRO B 27 2.61 5.75 5.74
P PO4 C . 0.95 -7.42 -32.98
O1 PO4 C . 1.87 -8.18 -33.90
O2 PO4 C . -0.08 -6.66 -33.80
O3 PO4 C . 0.25 -8.42 -32.07
O4 PO4 C . 1.77 -6.44 -32.17
#